data_1GJW
#
_entry.id   1GJW
#
_cell.length_a   147.390
_cell.length_b   147.390
_cell.length_c   105.630
_cell.angle_alpha   90.00
_cell.angle_beta   90.00
_cell.angle_gamma   90.00
#
_symmetry.space_group_name_H-M   'P 41 2 2'
#
loop_
_entity.id
_entity.type
_entity.pdbx_description
1 polymer 'MALTODEXTRIN GLYCOSYLTRANSFERASE'
2 branched alpha-D-glucopyranose-(1-4)-alpha-D-glucopyranose
3 non-polymer 'PHOSPHATE ION'
4 non-polymer alpha-D-glucopyranose
5 water water
#
_entity_poly.entity_id   1
_entity_poly.type   'polypeptide(L)'
_entity_poly.pdbx_seq_one_letter_code
;MLLREINRYCKEKATGKRIYAVPKLWIPGFFKKFDEKSGRCFVDPYELGAEITDWILNQSREWDYSQPLSFLKGEKTPDW
IKRSVVYGSLPRTTAAYNHKGSGYYEENDVLGFREAGTFFKMMLLLPFVKSLGADAIYLLPVSRMSDLFKKGDAPSPYSV
KNPMELDERYHDPLLEPFKVDEEFKAFVEACHILGIRVILDFIPRTAARDSDLIREHPDWFYWIKVEELADYTPPRAEEL
PFKVPDEDELEIIYNKENVKRHLKKFTLPPNLIDPQKWEKIKREEGNILELIVKEFGIITPPGFSDLINDPQPTWDDVTF
LRLYLDHPEASKRFLDPNQPPYVLYDVIKASKFPGKEPNRELWEYLAGVIPHYQKKYGIDGARLDMGHALPKELLDLIIK
NVKEYDPAFVMIAEELDMEKDKASKEAGYDVILGSSWYFAGRVEEIGKLPDIAEELVLPFLASVETPDTPRIATRKYASK
MKKLAPFVTYFLPNSIPYVNTGQEIGEKQPMNLGLDTDPNLRKVLSPTDEFFGKLAFFDHYVLHWDSPDRGVLNFIKKLI
KVRHEFLDFVLNGKFENLTTKDLVMYSYEKNGQKIVIAANVGKEPKEITGGRVWNGKWSDEEKVVLKPLEFALVVQE
;
_entity_poly.pdbx_strand_id   A
#
# COMPACT_ATOMS: atom_id res chain seq x y z
N MET A 1 -26.75 -12.00 -6.36
CA MET A 1 -25.57 -11.62 -5.51
C MET A 1 -24.34 -12.30 -6.08
N LEU A 2 -23.45 -11.46 -6.60
CA LEU A 2 -22.24 -11.90 -7.25
C LEU A 2 -21.43 -13.00 -6.56
N LEU A 3 -21.26 -12.88 -5.26
CA LEU A 3 -20.47 -13.89 -4.56
C LEU A 3 -21.18 -15.23 -4.72
N ARG A 4 -22.51 -15.20 -4.65
CA ARG A 4 -23.29 -16.43 -4.82
C ARG A 4 -23.30 -16.85 -6.29
N GLU A 5 -23.40 -15.87 -7.19
CA GLU A 5 -23.35 -16.17 -8.61
C GLU A 5 -22.03 -16.93 -8.92
N ILE A 6 -20.92 -16.48 -8.34
CA ILE A 6 -19.62 -17.14 -8.57
C ILE A 6 -19.60 -18.54 -7.98
N ASN A 7 -20.24 -18.70 -6.83
CA ASN A 7 -20.35 -20.01 -6.18
C ASN A 7 -21.15 -20.96 -7.09
N ARG A 8 -22.27 -20.47 -7.60
CA ARG A 8 -23.10 -21.28 -8.50
C ARG A 8 -22.24 -21.75 -9.69
N TYR A 9 -21.54 -20.81 -10.33
CA TYR A 9 -20.69 -21.14 -11.47
C TYR A 9 -19.62 -22.20 -11.20
N CYS A 10 -18.97 -22.10 -10.05
CA CYS A 10 -17.92 -23.06 -9.70
C CYS A 10 -18.48 -24.46 -9.59
N LYS A 11 -19.66 -24.57 -9.00
CA LYS A 11 -20.30 -25.88 -8.83
C LYS A 11 -20.66 -26.44 -10.19
N GLU A 12 -21.03 -25.56 -11.11
CA GLU A 12 -21.38 -25.98 -12.48
C GLU A 12 -20.16 -26.53 -13.21
N LYS A 13 -19.04 -25.81 -13.11
CA LYS A 13 -17.80 -26.19 -13.79
C LYS A 13 -17.04 -27.33 -13.10
N ALA A 14 -17.29 -27.55 -11.83
CA ALA A 14 -16.59 -28.64 -11.14
C ALA A 14 -16.51 -29.90 -12.01
N THR A 15 -15.36 -30.57 -11.99
CA THR A 15 -15.19 -31.79 -12.78
C THR A 15 -14.35 -32.82 -12.03
N GLY A 16 -13.68 -32.39 -10.97
CA GLY A 16 -12.84 -33.32 -10.23
C GLY A 16 -11.43 -33.53 -10.78
N LYS A 17 -11.06 -32.83 -11.86
CA LYS A 17 -9.70 -32.99 -12.43
C LYS A 17 -8.69 -32.08 -11.66
N ARG A 18 -7.79 -32.70 -10.93
CA ARG A 18 -6.83 -31.97 -10.10
C ARG A 18 -5.50 -31.64 -10.79
N ILE A 19 -5.49 -30.55 -11.58
CA ILE A 19 -4.30 -30.15 -12.32
C ILE A 19 -3.88 -28.72 -12.03
N TYR A 20 -4.56 -28.08 -11.09
CA TYR A 20 -4.28 -26.70 -10.70
C TYR A 20 -3.50 -26.73 -9.37
N ALA A 21 -2.24 -26.31 -9.43
CA ALA A 21 -1.36 -26.29 -8.25
C ALA A 21 -1.50 -25.06 -7.37
N VAL A 22 -1.52 -25.30 -6.06
CA VAL A 22 -1.62 -24.25 -5.05
C VAL A 22 -0.69 -24.68 -3.91
N PRO A 23 -0.09 -23.73 -3.18
CA PRO A 23 0.78 -24.18 -2.09
C PRO A 23 -0.11 -24.74 -0.95
N LYS A 24 0.37 -25.75 -0.26
CA LYS A 24 -0.43 -26.34 0.81
C LYS A 24 -1.05 -25.35 1.82
N LEU A 25 -0.37 -24.25 2.13
CA LEU A 25 -0.91 -23.26 3.06
C LEU A 25 -2.21 -22.62 2.54
N TRP A 26 -2.47 -22.74 1.25
CA TRP A 26 -3.68 -22.15 0.69
C TRP A 26 -4.89 -23.06 0.87
N ILE A 27 -4.66 -24.34 1.18
CA ILE A 27 -5.74 -25.33 1.37
C ILE A 27 -6.31 -25.16 2.78
N PRO A 28 -7.62 -24.84 2.89
CA PRO A 28 -8.18 -24.67 4.24
C PRO A 28 -8.35 -26.00 4.98
N GLY A 29 -8.42 -25.95 6.31
CA GLY A 29 -8.60 -27.17 7.11
C GLY A 29 -9.78 -28.04 6.68
N PHE A 30 -10.89 -27.40 6.32
CA PHE A 30 -12.08 -28.10 5.88
C PHE A 30 -12.00 -28.75 4.49
N PHE A 31 -11.07 -28.31 3.65
CA PHE A 31 -10.96 -28.82 2.28
C PHE A 31 -10.13 -30.08 2.20
N LYS A 32 -10.71 -31.12 1.61
CA LYS A 32 -10.04 -32.40 1.53
C LYS A 32 -9.80 -32.91 0.13
N LYS A 33 -10.46 -32.30 -0.85
CA LYS A 33 -10.32 -32.76 -2.23
C LYS A 33 -9.05 -32.28 -2.95
N PHE A 34 -7.90 -32.83 -2.59
CA PHE A 34 -6.66 -32.41 -3.24
C PHE A 34 -5.66 -33.54 -3.25
N ASP A 35 -4.74 -33.50 -4.20
CA ASP A 35 -3.69 -34.50 -4.31
C ASP A 35 -2.45 -33.76 -3.84
N GLU A 36 -1.52 -34.48 -3.23
CA GLU A 36 -0.32 -33.81 -2.78
C GLU A 36 0.88 -34.49 -3.39
N LYS A 37 1.62 -33.73 -4.19
CA LYS A 37 2.82 -34.25 -4.86
C LYS A 37 3.91 -33.19 -4.83
N SER A 38 5.10 -33.61 -4.41
CA SER A 38 6.26 -32.74 -4.36
C SER A 38 6.07 -31.50 -3.49
N GLY A 39 5.54 -31.65 -2.30
CA GLY A 39 5.35 -30.49 -1.45
C GLY A 39 4.13 -29.64 -1.70
N ARG A 40 3.73 -29.53 -2.97
CA ARG A 40 2.54 -28.74 -3.31
C ARG A 40 1.32 -29.62 -3.54
N CYS A 41 0.16 -28.98 -3.57
CA CYS A 41 -1.08 -29.70 -3.74
C CYS A 41 -1.75 -29.35 -5.07
N PHE A 42 -2.52 -30.31 -5.59
CA PHE A 42 -3.26 -30.10 -6.83
C PHE A 42 -4.77 -30.23 -6.58
N VAL A 43 -5.53 -29.32 -7.16
CA VAL A 43 -6.96 -29.33 -7.02
C VAL A 43 -7.64 -28.98 -8.34
N ASP A 44 -8.96 -29.10 -8.33
CA ASP A 44 -9.84 -28.72 -9.43
C ASP A 44 -10.14 -27.33 -8.88
N PRO A 45 -9.64 -26.29 -9.55
CA PRO A 45 -9.90 -24.92 -9.07
C PRO A 45 -11.37 -24.63 -8.74
N TYR A 46 -12.29 -25.24 -9.50
CA TYR A 46 -13.74 -25.00 -9.28
C TYR A 46 -14.27 -25.65 -7.99
N GLU A 47 -13.71 -26.79 -7.61
CA GLU A 47 -14.13 -27.44 -6.36
C GLU A 47 -13.57 -26.61 -5.20
N LEU A 48 -12.34 -26.13 -5.30
CA LEU A 48 -11.75 -25.30 -4.24
C LEU A 48 -12.53 -24.02 -4.13
N GLY A 49 -12.80 -23.37 -5.27
CA GLY A 49 -13.58 -22.15 -5.26
C GLY A 49 -15.02 -22.38 -4.75
N ALA A 50 -15.63 -23.52 -5.10
CA ALA A 50 -17.00 -23.81 -4.61
C ALA A 50 -17.05 -24.04 -3.10
N GLU A 51 -16.15 -24.88 -2.57
CA GLU A 51 -16.14 -25.15 -1.13
C GLU A 51 -15.75 -23.96 -0.24
N ILE A 52 -14.82 -23.12 -0.68
CA ILE A 52 -14.45 -21.96 0.10
C ILE A 52 -15.56 -20.90 0.00
N THR A 53 -16.16 -20.69 -1.18
CA THR A 53 -17.26 -19.71 -1.27
C THR A 53 -18.45 -20.23 -0.41
N ASP A 54 -18.65 -21.54 -0.39
CA ASP A 54 -19.71 -22.13 0.48
C ASP A 54 -19.38 -21.78 1.94
N TRP A 55 -18.13 -22.04 2.32
CA TRP A 55 -17.72 -21.79 3.69
C TRP A 55 -17.99 -20.36 4.07
N ILE A 56 -17.79 -19.46 3.13
CA ILE A 56 -18.01 -18.03 3.39
C ILE A 56 -19.49 -17.68 3.36
N LEU A 57 -20.20 -18.13 2.33
CA LEU A 57 -21.61 -17.80 2.22
C LEU A 57 -22.42 -18.36 3.40
N ASN A 58 -22.04 -19.53 3.93
CA ASN A 58 -22.76 -20.11 5.06
C ASN A 58 -22.70 -19.23 6.32
N GLN A 59 -21.82 -18.25 6.34
CA GLN A 59 -21.68 -17.39 7.53
C GLN A 59 -22.43 -16.07 7.31
N SER A 60 -23.02 -15.92 6.14
CA SER A 60 -23.71 -14.67 5.85
C SER A 60 -25.13 -14.65 6.42
N ARG A 61 -25.54 -13.50 6.91
CA ARG A 61 -26.89 -13.34 7.42
C ARG A 61 -27.65 -13.04 6.12
N GLU A 62 -28.59 -12.08 6.17
CA GLU A 62 -29.30 -11.70 4.95
C GLU A 62 -29.26 -10.16 4.66
N TRP A 63 -28.14 -9.50 4.98
CA TRP A 63 -27.95 -8.06 4.70
C TRP A 63 -27.26 -7.90 3.33
N ASP A 64 -27.08 -6.66 2.94
CA ASP A 64 -26.42 -6.33 1.69
C ASP A 64 -24.95 -6.04 2.03
N TYR A 65 -24.08 -6.97 1.63
CA TYR A 65 -22.65 -6.83 1.90
C TYR A 65 -21.84 -6.06 0.85
N SER A 66 -22.52 -5.33 -0.03
CA SER A 66 -21.84 -4.55 -1.06
C SER A 66 -21.67 -3.11 -0.61
N GLN A 67 -22.01 -2.85 0.65
CA GLN A 67 -21.82 -1.49 1.20
C GLN A 67 -20.84 -1.57 2.39
N PRO A 68 -20.35 -0.42 2.89
CA PRO A 68 -19.41 -0.46 4.02
C PRO A 68 -19.95 -1.18 5.28
N LEU A 69 -19.10 -1.96 5.94
CA LEU A 69 -19.53 -2.67 7.16
C LEU A 69 -20.12 -1.69 8.19
N SER A 70 -19.65 -0.45 8.19
CA SER A 70 -20.14 0.55 9.13
C SER A 70 -21.66 0.71 8.99
N PHE A 71 -22.15 0.59 7.77
CA PHE A 71 -23.58 0.69 7.52
C PHE A 71 -24.32 -0.44 8.26
N LEU A 72 -23.85 -1.66 8.09
CA LEU A 72 -24.47 -2.81 8.73
C LEU A 72 -24.31 -2.73 10.25
N LYS A 73 -23.31 -1.99 10.72
CA LYS A 73 -23.05 -1.90 12.15
C LYS A 73 -23.61 -0.61 12.70
N GLY A 74 -24.02 0.28 11.82
CA GLY A 74 -24.54 1.55 12.27
C GLY A 74 -23.49 2.43 12.93
N GLU A 75 -22.28 2.47 12.38
CA GLU A 75 -21.23 3.32 12.97
C GLU A 75 -21.23 4.67 12.26
N LYS A 76 -20.92 5.71 13.02
CA LYS A 76 -20.89 7.06 12.45
C LYS A 76 -19.53 7.72 12.66
N THR A 77 -18.56 6.94 13.14
CA THR A 77 -17.20 7.41 13.39
C THR A 77 -16.20 6.34 12.96
N PRO A 78 -14.96 6.75 12.62
CA PRO A 78 -13.90 5.82 12.21
C PRO A 78 -13.17 5.21 13.40
N ASP A 79 -13.90 4.99 14.49
CA ASP A 79 -13.29 4.43 15.69
C ASP A 79 -12.91 2.97 15.51
N TRP A 80 -13.57 2.27 14.59
CA TRP A 80 -13.27 0.87 14.37
C TRP A 80 -11.79 0.57 14.06
N ILE A 81 -11.13 1.46 13.33
CA ILE A 81 -9.72 1.26 12.95
C ILE A 81 -8.81 1.08 14.14
N LYS A 82 -9.17 1.69 15.26
CA LYS A 82 -8.38 1.57 16.48
C LYS A 82 -8.41 0.17 17.10
N ARG A 83 -9.36 -0.67 16.69
CA ARG A 83 -9.44 -2.03 17.22
C ARG A 83 -9.04 -3.06 16.17
N SER A 84 -8.70 -2.58 14.97
CA SER A 84 -8.35 -3.46 13.86
C SER A 84 -6.93 -3.92 13.80
N VAL A 85 -6.74 -4.99 13.02
CA VAL A 85 -5.46 -5.60 12.73
C VAL A 85 -5.46 -5.66 11.19
N VAL A 86 -4.51 -4.94 10.57
CA VAL A 86 -4.37 -4.81 9.12
C VAL A 86 -3.39 -5.74 8.42
N TYR A 87 -3.81 -6.32 7.31
CA TYR A 87 -2.92 -7.16 6.50
C TYR A 87 -2.74 -6.35 5.22
N GLY A 88 -1.49 -5.98 4.90
CA GLY A 88 -1.19 -5.20 3.70
C GLY A 88 -0.81 -6.04 2.49
N SER A 89 -1.46 -5.78 1.36
CA SER A 89 -1.20 -6.57 0.16
C SER A 89 -1.24 -5.94 -1.24
N LEU A 90 -0.39 -6.49 -2.13
CA LEU A 90 -0.28 -6.14 -3.56
C LEU A 90 -0.78 -7.47 -4.11
N PRO A 91 -2.11 -7.52 -4.37
CA PRO A 91 -2.81 -8.72 -4.88
C PRO A 91 -2.08 -9.47 -5.97
N ARG A 92 -1.49 -8.71 -6.88
CA ARG A 92 -0.75 -9.28 -7.98
C ARG A 92 0.33 -10.26 -7.47
N THR A 93 0.96 -9.91 -6.36
CA THR A 93 2.04 -10.72 -5.73
C THR A 93 1.53 -11.74 -4.69
N THR A 94 0.72 -11.26 -3.76
CA THR A 94 0.19 -12.12 -2.71
C THR A 94 -0.39 -13.41 -3.26
N ALA A 95 -1.18 -13.30 -4.34
CA ALA A 95 -1.87 -14.46 -4.93
C ALA A 95 -1.26 -15.09 -6.16
N ALA A 96 0.00 -14.75 -6.43
CA ALA A 96 0.72 -15.33 -7.58
C ALA A 96 1.24 -16.72 -7.21
N TYR A 97 1.12 -17.65 -8.15
CA TYR A 97 1.61 -18.98 -7.92
C TYR A 97 1.65 -19.71 -9.24
N ASN A 98 2.70 -20.53 -9.45
CA ASN A 98 2.81 -21.28 -10.70
C ASN A 98 1.84 -22.49 -10.69
N HIS A 99 0.60 -22.31 -11.18
CA HIS A 99 -0.38 -23.41 -11.16
C HIS A 99 -0.07 -24.65 -12.00
N LYS A 100 0.91 -24.57 -12.89
CA LYS A 100 1.27 -25.78 -13.67
C LYS A 100 1.82 -26.84 -12.72
N GLY A 101 2.43 -26.36 -11.63
CA GLY A 101 3.03 -27.28 -10.66
C GLY A 101 4.42 -27.76 -11.08
N SER A 102 5.00 -27.15 -12.11
CA SER A 102 6.34 -27.52 -12.57
C SER A 102 6.87 -26.40 -13.45
N GLY A 103 8.18 -26.43 -13.71
CA GLY A 103 8.80 -25.42 -14.54
C GLY A 103 8.76 -24.02 -13.98
N TYR A 104 8.76 -23.03 -14.87
CA TYR A 104 8.78 -21.64 -14.44
C TYR A 104 7.43 -20.95 -14.50
N TYR A 105 7.26 -20.00 -13.58
CA TYR A 105 6.09 -19.16 -13.51
C TYR A 105 5.82 -18.47 -14.88
N GLU A 106 4.54 -18.28 -15.24
CA GLU A 106 4.12 -17.58 -16.49
C GLU A 106 2.90 -16.75 -16.12
N GLU A 107 2.84 -15.53 -16.62
CA GLU A 107 1.70 -14.67 -16.37
C GLU A 107 0.41 -15.49 -16.68
N ASN A 108 0.39 -16.16 -17.84
CA ASN A 108 -0.73 -17.01 -18.27
C ASN A 108 -0.13 -18.25 -18.89
N ASP A 109 -0.61 -19.44 -18.51
CA ASP A 109 -0.02 -20.67 -19.02
C ASP A 109 -0.90 -21.43 -20.00
N VAL A 110 -0.33 -22.46 -20.61
CA VAL A 110 -1.02 -23.25 -21.63
C VAL A 110 -2.27 -24.02 -21.15
N LEU A 111 -2.42 -24.17 -19.85
CA LEU A 111 -3.55 -24.88 -19.29
C LEU A 111 -4.76 -23.94 -19.16
N GLY A 112 -4.53 -22.65 -19.42
CA GLY A 112 -5.57 -21.64 -19.31
C GLY A 112 -5.55 -20.89 -17.99
N PHE A 113 -4.58 -21.19 -17.14
CA PHE A 113 -4.52 -20.52 -15.83
C PHE A 113 -3.74 -19.20 -15.77
N ARG A 114 -4.23 -18.23 -15.02
CA ARG A 114 -3.53 -16.97 -14.83
C ARG A 114 -2.72 -17.16 -13.52
N GLU A 115 -1.40 -17.27 -13.62
CA GLU A 115 -0.58 -17.48 -12.41
C GLU A 115 -0.38 -16.19 -11.62
N ALA A 116 -0.55 -15.04 -12.28
CA ALA A 116 -0.48 -13.75 -11.60
C ALA A 116 -1.64 -13.69 -10.59
N GLY A 117 -1.54 -12.80 -9.59
CA GLY A 117 -2.58 -12.67 -8.59
C GLY A 117 -3.87 -12.11 -9.14
N THR A 118 -5.00 -12.70 -8.76
CA THR A 118 -6.33 -12.27 -9.21
C THR A 118 -7.30 -12.03 -8.03
N PHE A 119 -8.37 -11.25 -8.24
CA PHE A 119 -9.33 -11.04 -7.17
C PHE A 119 -10.01 -12.33 -6.72
N PHE A 120 -10.15 -13.29 -7.64
CA PHE A 120 -10.71 -14.59 -7.30
C PHE A 120 -9.75 -15.36 -6.34
N LYS A 121 -8.44 -15.31 -6.58
CA LYS A 121 -7.50 -15.99 -5.69
C LYS A 121 -7.41 -15.24 -4.35
N MET A 122 -7.56 -13.92 -4.38
CA MET A 122 -7.57 -13.16 -3.14
C MET A 122 -8.79 -13.64 -2.31
N MET A 123 -9.85 -14.09 -2.98
CA MET A 123 -11.03 -14.59 -2.26
C MET A 123 -10.67 -15.94 -1.62
N LEU A 124 -10.02 -16.81 -2.37
CA LEU A 124 -9.61 -18.11 -1.85
C LEU A 124 -8.65 -17.99 -0.66
N LEU A 125 -7.91 -16.89 -0.59
CA LEU A 125 -6.96 -16.72 0.50
C LEU A 125 -7.61 -16.16 1.73
N LEU A 126 -8.86 -15.70 1.61
CA LEU A 126 -9.53 -15.11 2.76
C LEU A 126 -9.50 -15.97 4.05
N PRO A 127 -9.64 -17.31 3.96
CA PRO A 127 -9.58 -18.10 5.20
C PRO A 127 -8.17 -17.99 5.82
N PHE A 128 -7.14 -18.00 4.96
CA PHE A 128 -5.75 -17.83 5.41
C PHE A 128 -5.60 -16.44 6.10
N VAL A 129 -6.00 -15.37 5.44
CA VAL A 129 -5.86 -14.05 6.03
C VAL A 129 -6.54 -13.98 7.39
N LYS A 130 -7.75 -14.54 7.45
CA LYS A 130 -8.54 -14.57 8.67
C LYS A 130 -7.81 -15.39 9.77
N SER A 131 -7.11 -16.46 9.40
CA SER A 131 -6.36 -17.25 10.39
C SER A 131 -5.18 -16.46 11.02
N LEU A 132 -4.80 -15.34 10.41
CA LEU A 132 -3.69 -14.55 10.94
C LEU A 132 -4.23 -13.67 12.07
N GLY A 133 -5.54 -13.43 12.07
CA GLY A 133 -6.15 -12.57 13.07
C GLY A 133 -6.42 -11.19 12.51
N ALA A 134 -6.17 -10.99 11.20
CA ALA A 134 -6.42 -9.69 10.56
C ALA A 134 -7.92 -9.45 10.30
N ASP A 135 -8.39 -8.23 10.49
CA ASP A 135 -9.80 -7.93 10.18
C ASP A 135 -9.96 -6.71 9.28
N ALA A 136 -8.90 -6.43 8.53
CA ALA A 136 -8.92 -5.34 7.57
C ALA A 136 -7.81 -5.66 6.59
N ILE A 137 -8.11 -5.55 5.30
CA ILE A 137 -7.12 -5.79 4.26
C ILE A 137 -6.84 -4.46 3.56
N TYR A 138 -5.58 -4.05 3.55
CA TYR A 138 -5.20 -2.83 2.88
C TYR A 138 -4.55 -3.26 1.56
N LEU A 139 -4.98 -2.67 0.46
CA LEU A 139 -4.44 -2.97 -0.87
C LEU A 139 -3.70 -1.79 -1.49
N LEU A 140 -2.60 -2.10 -2.16
CA LEU A 140 -1.85 -1.08 -2.88
C LEU A 140 -2.76 -0.79 -4.10
N PRO A 141 -2.52 0.30 -4.82
CA PRO A 141 -3.38 0.60 -5.99
C PRO A 141 -3.75 -0.61 -6.86
N VAL A 142 -5.03 -0.76 -7.18
CA VAL A 142 -5.44 -1.85 -8.08
C VAL A 142 -6.11 -1.25 -9.31
N SER A 143 -5.96 0.05 -9.47
CA SER A 143 -6.52 0.74 -10.63
C SER A 143 -5.73 0.34 -11.87
N ARG A 144 -6.28 0.66 -13.04
CA ARG A 144 -5.64 0.31 -14.30
C ARG A 144 -4.25 0.93 -14.35
N MET A 145 -3.25 0.08 -14.59
CA MET A 145 -1.86 0.50 -14.61
C MET A 145 -1.28 0.75 -16.02
N SER A 146 -0.38 1.71 -16.14
CA SER A 146 0.27 1.95 -17.44
C SER A 146 1.38 0.91 -17.73
N ASP A 147 1.51 0.51 -18.98
CA ASP A 147 2.54 -0.44 -19.42
C ASP A 147 3.73 0.26 -20.10
N LEU A 148 3.77 1.60 -20.03
CA LEU A 148 4.86 2.36 -20.61
C LEU A 148 5.88 2.77 -19.54
N PHE A 149 7.14 2.95 -19.96
CA PHE A 149 8.20 3.35 -19.07
C PHE A 149 8.34 2.45 -17.81
N LYS A 150 8.24 1.13 -17.99
CA LYS A 150 8.37 0.21 -16.86
C LYS A 150 9.82 -0.07 -16.51
N LYS A 151 10.06 -0.47 -15.26
CA LYS A 151 11.42 -0.80 -14.84
C LYS A 151 11.68 -2.29 -14.94
N GLY A 152 10.62 -3.05 -15.20
CA GLY A 152 10.75 -4.49 -15.30
C GLY A 152 9.63 -4.98 -16.20
N ASP A 153 9.24 -6.25 -16.06
CA ASP A 153 8.17 -6.80 -16.91
C ASP A 153 6.77 -6.57 -16.30
N ALA A 154 6.70 -5.95 -15.13
CA ALA A 154 5.44 -5.64 -14.49
C ALA A 154 5.39 -4.19 -14.12
N PRO A 155 4.22 -3.57 -14.31
CA PRO A 155 4.06 -2.16 -13.97
C PRO A 155 3.97 -1.86 -12.47
N SER A 156 4.36 -0.66 -12.08
CA SER A 156 4.25 -0.25 -10.69
C SER A 156 2.74 0.02 -10.46
N PRO A 157 2.19 -0.39 -9.30
CA PRO A 157 0.77 -0.11 -9.10
C PRO A 157 0.52 1.39 -8.99
N TYR A 158 1.60 2.17 -8.83
CA TYR A 158 1.44 3.62 -8.74
C TYR A 158 1.44 4.35 -10.11
N SER A 159 1.61 3.61 -11.21
CA SER A 159 1.61 4.20 -12.55
C SER A 159 0.12 4.08 -12.94
N VAL A 160 -0.70 5.00 -12.45
CA VAL A 160 -2.15 4.92 -12.68
C VAL A 160 -2.61 5.43 -14.03
N LYS A 161 -3.03 4.52 -14.89
CA LYS A 161 -3.51 4.88 -16.23
C LYS A 161 -4.98 5.35 -16.19
N ASN A 162 -5.79 4.85 -15.26
CA ASN A 162 -7.20 5.27 -15.10
C ASN A 162 -7.63 5.10 -13.63
N PRO A 163 -7.81 6.21 -12.89
CA PRO A 163 -8.22 6.07 -11.47
C PRO A 163 -9.61 5.42 -11.26
N MET A 164 -10.50 5.60 -12.22
CA MET A 164 -11.87 5.09 -12.10
C MET A 164 -12.08 3.66 -12.57
N GLU A 165 -11.02 3.02 -13.08
CA GLU A 165 -11.15 1.64 -13.56
C GLU A 165 -10.16 0.70 -12.91
N LEU A 166 -10.58 -0.55 -12.69
CA LEU A 166 -9.70 -1.55 -12.10
C LEU A 166 -8.88 -2.16 -13.23
N ASP A 167 -7.67 -2.62 -12.93
CA ASP A 167 -6.88 -3.20 -14.00
C ASP A 167 -7.46 -4.57 -14.40
N GLU A 168 -7.72 -4.71 -15.70
CA GLU A 168 -8.27 -5.96 -16.25
C GLU A 168 -7.46 -7.22 -15.88
N ARG A 169 -6.17 -7.05 -15.59
CA ARG A 169 -5.34 -8.20 -15.24
C ARG A 169 -5.76 -8.91 -13.94
N TYR A 170 -6.58 -8.25 -13.14
CA TYR A 170 -7.05 -8.89 -11.89
C TYR A 170 -8.23 -9.81 -12.17
N HIS A 171 -8.63 -9.86 -13.43
CA HIS A 171 -9.69 -10.76 -13.84
C HIS A 171 -9.06 -12.17 -13.89
N ASP A 172 -9.81 -13.19 -13.53
CA ASP A 172 -9.29 -14.55 -13.61
C ASP A 172 -10.03 -15.32 -14.73
N PRO A 173 -9.31 -15.79 -15.75
CA PRO A 173 -9.89 -16.55 -16.87
C PRO A 173 -10.74 -17.74 -16.44
N LEU A 174 -10.60 -18.22 -15.18
CA LEU A 174 -11.42 -19.34 -14.71
C LEU A 174 -12.89 -18.92 -14.64
N LEU A 175 -13.10 -17.63 -14.39
CA LEU A 175 -14.42 -17.01 -14.30
C LEU A 175 -14.70 -16.22 -15.56
N GLU A 176 -14.55 -16.87 -16.71
CA GLU A 176 -14.78 -16.20 -18.00
C GLU A 176 -16.10 -15.40 -18.04
N PRO A 177 -17.21 -16.01 -17.61
CA PRO A 177 -18.51 -15.33 -17.62
C PRO A 177 -18.62 -14.10 -16.75
N PHE A 178 -17.55 -13.71 -16.06
CA PHE A 178 -17.66 -12.54 -15.20
C PHE A 178 -16.70 -11.44 -15.57
N LYS A 179 -17.04 -10.23 -15.18
CA LYS A 179 -16.22 -9.05 -15.46
C LYS A 179 -15.38 -8.72 -14.21
N VAL A 180 -14.25 -8.04 -14.42
CA VAL A 180 -13.33 -7.68 -13.33
C VAL A 180 -14.00 -6.88 -12.22
N ASP A 181 -14.88 -5.95 -12.59
CA ASP A 181 -15.60 -5.15 -11.59
C ASP A 181 -16.52 -5.99 -10.72
N GLU A 182 -17.04 -7.07 -11.28
CA GLU A 182 -17.93 -7.97 -10.56
C GLU A 182 -17.11 -8.85 -9.61
N GLU A 183 -15.93 -9.29 -10.06
CA GLU A 183 -15.06 -10.15 -9.24
C GLU A 183 -14.57 -9.38 -8.02
N PHE A 184 -14.28 -8.10 -8.22
CA PHE A 184 -13.83 -7.27 -7.13
C PHE A 184 -14.97 -7.05 -6.15
N LYS A 185 -16.16 -6.74 -6.69
CA LYS A 185 -17.33 -6.50 -5.84
C LYS A 185 -17.59 -7.73 -5.02
N ALA A 186 -17.50 -8.89 -5.67
CA ALA A 186 -17.69 -10.16 -4.97
C ALA A 186 -16.61 -10.35 -3.89
N PHE A 187 -15.38 -9.92 -4.19
CA PHE A 187 -14.26 -10.04 -3.27
C PHE A 187 -14.56 -9.24 -2.01
N VAL A 188 -15.06 -8.02 -2.16
CA VAL A 188 -15.40 -7.16 -1.02
C VAL A 188 -16.62 -7.69 -0.24
N GLU A 189 -17.53 -8.36 -0.93
CA GLU A 189 -18.68 -8.94 -0.26
C GLU A 189 -18.19 -10.07 0.65
N ALA A 190 -17.33 -10.94 0.11
CA ALA A 190 -16.79 -12.03 0.91
C ALA A 190 -16.05 -11.48 2.15
N CYS A 191 -15.24 -10.42 1.99
CA CYS A 191 -14.55 -9.81 3.12
C CYS A 191 -15.53 -9.34 4.18
N HIS A 192 -16.53 -8.57 3.75
CA HIS A 192 -17.53 -8.03 4.68
C HIS A 192 -18.28 -9.12 5.46
N ILE A 193 -18.65 -10.19 4.77
CA ILE A 193 -19.33 -11.31 5.42
C ILE A 193 -18.45 -11.87 6.55
N LEU A 194 -17.14 -11.92 6.31
CA LEU A 194 -16.17 -12.44 7.28
C LEU A 194 -15.75 -11.40 8.32
N GLY A 195 -16.32 -10.20 8.25
CA GLY A 195 -15.97 -9.17 9.20
C GLY A 195 -14.73 -8.37 8.82
N ILE A 196 -14.17 -8.67 7.65
CA ILE A 196 -12.96 -7.99 7.15
C ILE A 196 -13.24 -6.71 6.33
N ARG A 197 -12.69 -5.58 6.80
CA ARG A 197 -12.83 -4.27 6.15
C ARG A 197 -11.84 -4.14 4.96
N VAL A 198 -12.17 -3.31 3.99
CA VAL A 198 -11.31 -3.11 2.82
C VAL A 198 -10.89 -1.64 2.71
N ILE A 199 -9.58 -1.42 2.61
CA ILE A 199 -8.96 -0.09 2.52
C ILE A 199 -8.16 -0.03 1.22
N LEU A 200 -8.41 0.98 0.38
CA LEU A 200 -7.67 1.05 -0.88
C LEU A 200 -6.65 2.19 -0.89
N ASP A 201 -5.92 2.32 -2.00
CA ASP A 201 -4.89 3.34 -2.10
C ASP A 201 -5.02 4.26 -3.34
N PHE A 202 -4.90 5.56 -3.14
CA PHE A 202 -5.01 6.48 -4.28
C PHE A 202 -3.93 7.55 -4.23
N ILE A 203 -3.50 8.03 -5.41
CA ILE A 203 -2.46 9.08 -5.50
C ILE A 203 -3.04 10.18 -6.41
N PRO A 204 -3.77 11.13 -5.83
CA PRO A 204 -4.37 12.21 -6.61
C PRO A 204 -3.42 13.08 -7.47
N ARG A 205 -2.26 13.47 -6.93
CA ARG A 205 -1.30 14.35 -7.62
C ARG A 205 -0.70 13.92 -8.94
N THR A 206 -0.55 12.61 -9.16
CA THR A 206 0.09 12.11 -10.37
C THR A 206 -0.81 11.31 -11.32
N ALA A 207 -0.23 10.87 -12.43
CA ALA A 207 -0.92 10.04 -13.45
C ALA A 207 0.12 9.35 -14.33
N ALA A 208 -0.28 8.26 -14.99
CA ALA A 208 0.61 7.55 -15.88
C ALA A 208 1.02 8.51 -17.01
N ARG A 209 2.15 8.21 -17.67
CA ARG A 209 2.61 9.09 -18.75
C ARG A 209 1.57 9.14 -19.86
N ASP A 210 0.82 8.04 -20.01
CA ASP A 210 -0.22 7.91 -21.03
C ASP A 210 -1.61 7.71 -20.40
N SER A 211 -1.88 8.50 -19.37
CA SER A 211 -3.17 8.44 -18.67
C SER A 211 -4.36 8.48 -19.65
N ASP A 212 -5.39 7.66 -19.39
CA ASP A 212 -6.60 7.64 -20.20
C ASP A 212 -7.26 9.04 -20.24
N LEU A 213 -7.00 9.86 -19.23
CA LEU A 213 -7.56 11.21 -19.14
C LEU A 213 -7.07 12.14 -20.24
N ILE A 214 -6.03 11.71 -20.96
CA ILE A 214 -5.44 12.55 -22.02
C ILE A 214 -6.34 12.81 -23.24
N ARG A 215 -7.09 11.81 -23.71
CA ARG A 215 -7.97 11.99 -24.86
C ARG A 215 -9.01 13.10 -24.68
N GLU A 216 -9.67 13.14 -23.51
CA GLU A 216 -10.69 14.16 -23.25
C GLU A 216 -10.17 15.40 -22.55
N HIS A 217 -9.04 15.27 -21.86
CA HIS A 217 -8.47 16.43 -21.16
C HIS A 217 -6.97 16.54 -21.35
N PRO A 218 -6.51 16.70 -22.60
CA PRO A 218 -5.08 16.82 -22.88
C PRO A 218 -4.45 17.99 -22.15
N ASP A 219 -5.28 18.96 -21.77
CA ASP A 219 -4.81 20.14 -21.06
C ASP A 219 -4.70 20.00 -19.54
N TRP A 220 -4.99 18.81 -19.00
CA TRP A 220 -4.82 18.58 -17.57
C TRP A 220 -3.39 18.06 -17.30
N PHE A 221 -2.61 17.95 -18.38
CA PHE A 221 -1.22 17.47 -18.37
C PHE A 221 -0.19 18.52 -18.83
N TYR A 222 1.10 18.25 -18.59
CA TYR A 222 2.16 19.17 -19.03
C TYR A 222 2.79 18.52 -20.26
N TRP A 223 3.47 19.31 -21.09
CA TRP A 223 4.08 18.77 -22.32
C TRP A 223 5.44 19.36 -22.60
N ILE A 224 6.35 18.54 -23.12
CA ILE A 224 7.70 18.98 -23.49
C ILE A 224 8.00 18.42 -24.86
N LYS A 225 8.93 19.07 -25.57
CA LYS A 225 9.37 18.62 -26.88
C LYS A 225 10.12 17.30 -26.76
N VAL A 226 9.76 16.32 -27.59
CA VAL A 226 10.40 15.03 -27.57
C VAL A 226 11.92 15.20 -27.58
N GLU A 227 12.39 16.10 -28.42
CA GLU A 227 13.82 16.36 -28.53
C GLU A 227 14.48 16.61 -27.16
N GLU A 228 13.67 17.00 -26.18
CA GLU A 228 14.15 17.30 -24.82
C GLU A 228 13.93 16.16 -23.81
N LEU A 229 13.45 15.02 -24.28
CA LEU A 229 13.17 13.88 -23.40
C LEU A 229 14.41 13.32 -22.73
N ALA A 230 15.40 12.98 -23.53
CA ALA A 230 16.64 12.40 -23.04
C ALA A 230 17.31 13.15 -21.90
N ASP A 231 17.38 14.48 -21.97
CA ASP A 231 18.08 15.21 -20.92
C ASP A 231 17.18 15.99 -19.97
N TYR A 232 15.93 15.58 -19.89
CA TYR A 232 14.97 16.21 -19.00
C TYR A 232 15.29 15.72 -17.57
N THR A 233 15.73 16.63 -16.72
CA THR A 233 16.04 16.29 -15.33
C THR A 233 15.82 17.54 -14.48
N PRO A 234 15.59 17.37 -13.18
CA PRO A 234 15.38 18.53 -12.30
C PRO A 234 16.59 19.45 -12.20
N PRO A 235 16.46 20.70 -12.66
CA PRO A 235 17.59 21.64 -12.62
C PRO A 235 18.14 21.83 -11.21
N ARG A 236 19.41 21.47 -11.02
CA ARG A 236 20.07 21.59 -9.73
C ARG A 236 20.63 22.99 -9.40
N ALA A 237 20.82 23.26 -8.11
CA ALA A 237 21.40 24.52 -7.62
C ALA A 237 22.18 24.06 -6.37
N GLU A 238 23.36 23.48 -6.61
CA GLU A 238 24.23 22.93 -5.57
C GLU A 238 24.56 23.87 -4.40
N GLU A 239 24.55 25.17 -4.68
CA GLU A 239 24.83 26.15 -3.63
C GLU A 239 23.66 26.21 -2.65
N LEU A 240 22.48 25.76 -3.09
CA LEU A 240 21.31 25.78 -2.24
C LEU A 240 21.15 24.44 -1.53
N PRO A 241 20.42 24.44 -0.41
CA PRO A 241 20.18 23.22 0.37
C PRO A 241 19.35 22.19 -0.40
N PHE A 242 19.42 20.94 0.06
CA PHE A 242 18.66 19.84 -0.51
C PHE A 242 17.31 19.87 0.21
N LYS A 243 16.33 20.51 -0.39
CA LYS A 243 15.02 20.61 0.22
C LYS A 243 14.04 21.28 -0.73
N VAL A 244 12.80 21.41 -0.28
CA VAL A 244 11.80 22.09 -1.08
C VAL A 244 12.15 23.56 -0.89
N PRO A 245 12.35 24.29 -2.00
CA PRO A 245 12.70 25.71 -1.92
C PRO A 245 11.60 26.59 -1.29
N ASP A 246 12.01 27.66 -0.63
CA ASP A 246 11.06 28.59 -0.03
C ASP A 246 10.86 29.74 -1.00
N GLU A 247 10.16 30.79 -0.56
CA GLU A 247 9.88 31.94 -1.42
C GLU A 247 11.12 32.67 -1.93
N ASP A 248 12.03 33.00 -1.02
CA ASP A 248 13.25 33.71 -1.36
C ASP A 248 14.13 32.96 -2.35
N GLU A 249 14.26 31.66 -2.13
CA GLU A 249 15.06 30.80 -3.00
C GLU A 249 14.53 30.79 -4.43
N LEU A 250 13.23 30.96 -4.60
CA LEU A 250 12.62 30.95 -5.93
C LEU A 250 13.19 32.03 -6.82
N GLU A 251 13.36 33.23 -6.27
CA GLU A 251 13.90 34.34 -7.03
C GLU A 251 15.28 33.94 -7.57
N ILE A 252 16.09 33.32 -6.73
CA ILE A 252 17.41 32.88 -7.16
C ILE A 252 17.26 31.81 -8.26
N ILE A 253 16.49 30.78 -7.94
CA ILE A 253 16.26 29.66 -8.85
C ILE A 253 15.84 30.11 -10.24
N TYR A 254 14.82 30.97 -10.31
CA TYR A 254 14.32 31.44 -11.59
C TYR A 254 15.31 32.26 -12.44
N ASN A 255 16.41 32.69 -11.81
CA ASN A 255 17.45 33.45 -12.51
C ASN A 255 18.62 32.59 -12.94
N LYS A 256 18.58 31.29 -12.61
CA LYS A 256 19.66 30.40 -12.98
C LYS A 256 19.50 30.04 -14.45
N GLU A 257 20.62 29.92 -15.16
CA GLU A 257 20.57 29.60 -16.58
C GLU A 257 20.02 28.22 -16.91
N ASN A 258 20.26 27.26 -16.02
CA ASN A 258 19.79 25.91 -16.28
C ASN A 258 18.27 25.82 -16.07
N VAL A 259 17.75 26.59 -15.13
CA VAL A 259 16.31 26.59 -14.90
C VAL A 259 15.66 27.22 -16.11
N LYS A 260 16.28 28.27 -16.63
CA LYS A 260 15.72 28.96 -17.80
C LYS A 260 15.66 28.05 -19.02
N ARG A 261 16.65 27.18 -19.19
CA ARG A 261 16.61 26.24 -20.31
C ARG A 261 15.49 25.23 -20.07
N HIS A 262 15.33 24.85 -18.80
CA HIS A 262 14.30 23.90 -18.37
C HIS A 262 12.94 24.47 -18.79
N LEU A 263 12.65 25.68 -18.32
CA LEU A 263 11.37 26.33 -18.66
C LEU A 263 11.06 26.35 -20.16
N LYS A 264 12.12 26.41 -20.97
CA LYS A 264 11.97 26.47 -22.43
C LYS A 264 11.69 25.13 -23.09
N LYS A 265 11.71 24.05 -22.33
CA LYS A 265 11.47 22.72 -22.91
C LYS A 265 9.98 22.42 -23.08
N PHE A 266 9.14 23.20 -22.40
CA PHE A 266 7.70 22.99 -22.45
C PHE A 266 6.90 23.57 -23.64
N THR A 267 5.73 23.00 -23.91
CA THR A 267 4.87 23.44 -25.00
C THR A 267 3.42 23.52 -24.52
N LEU A 268 2.53 24.01 -25.38
CA LEU A 268 1.10 24.10 -25.06
C LEU A 268 0.53 22.69 -25.32
N PRO A 269 -0.67 22.41 -24.78
CA PRO A 269 -1.26 21.08 -25.00
C PRO A 269 -1.47 20.87 -26.51
N PRO A 270 -1.57 19.60 -26.96
CA PRO A 270 -1.76 19.33 -28.38
C PRO A 270 -3.06 19.94 -28.94
N ASN A 271 -4.07 20.09 -28.08
CA ASN A 271 -5.35 20.67 -28.49
C ASN A 271 -5.25 22.15 -28.85
N LEU A 272 -4.31 22.86 -28.22
CA LEU A 272 -4.13 24.26 -28.48
C LEU A 272 -3.09 24.54 -29.57
N ILE A 273 -2.34 23.50 -29.93
CA ILE A 273 -1.30 23.60 -30.95
C ILE A 273 -1.86 23.44 -32.37
N ASP A 274 -2.73 22.46 -32.55
CA ASP A 274 -3.34 22.16 -33.85
C ASP A 274 -4.70 21.51 -33.60
N PRO A 275 -5.73 22.34 -33.33
CA PRO A 275 -7.11 21.90 -33.07
C PRO A 275 -7.62 20.82 -34.01
N GLN A 276 -7.33 20.98 -35.29
CA GLN A 276 -7.78 20.02 -36.27
C GLN A 276 -7.04 18.71 -36.14
N LYS A 277 -5.72 18.79 -35.95
CA LYS A 277 -4.91 17.58 -35.81
C LYS A 277 -5.38 16.81 -34.57
N TRP A 278 -5.50 17.54 -33.47
CA TRP A 278 -5.95 16.91 -32.24
C TRP A 278 -7.21 16.04 -32.48
N GLU A 279 -8.27 16.67 -32.96
CA GLU A 279 -9.53 15.98 -33.22
C GLU A 279 -9.32 14.73 -34.06
N LYS A 280 -8.41 14.81 -35.01
CA LYS A 280 -8.09 13.66 -35.85
C LYS A 280 -7.58 12.50 -34.96
N ILE A 281 -6.39 12.67 -34.37
CA ILE A 281 -5.78 11.63 -33.52
C ILE A 281 -6.58 11.29 -32.28
N LYS A 282 -7.17 12.30 -31.63
CA LYS A 282 -7.99 12.10 -30.43
C LYS A 282 -9.01 10.98 -30.64
N ARG A 283 -9.38 10.74 -31.90
CA ARG A 283 -10.36 9.70 -32.21
C ARG A 283 -9.70 8.55 -32.97
N GLU A 284 -8.41 8.31 -32.69
CA GLU A 284 -7.70 7.22 -33.35
C GLU A 284 -7.44 6.03 -32.44
N GLU A 285 -7.24 4.87 -33.06
CA GLU A 285 -6.95 3.64 -32.33
C GLU A 285 -5.43 3.64 -32.05
N GLY A 286 -5.05 3.08 -30.90
CA GLY A 286 -3.66 3.02 -30.51
C GLY A 286 -3.43 3.80 -29.23
N ASN A 287 -2.26 3.64 -28.62
CA ASN A 287 -1.89 4.32 -27.39
C ASN A 287 -1.95 5.82 -27.64
N ILE A 288 -2.69 6.56 -26.81
CA ILE A 288 -2.83 8.00 -27.05
C ILE A 288 -1.51 8.75 -27.03
N LEU A 289 -0.59 8.36 -26.16
CA LEU A 289 0.70 9.06 -26.06
C LEU A 289 1.60 8.78 -27.26
N GLU A 290 1.57 7.56 -27.77
CA GLU A 290 2.36 7.22 -28.94
C GLU A 290 1.89 8.04 -30.16
N LEU A 291 0.57 8.26 -30.25
CA LEU A 291 -0.04 9.04 -31.34
C LEU A 291 0.40 10.50 -31.19
N ILE A 292 0.36 11.02 -29.97
CA ILE A 292 0.74 12.42 -29.75
C ILE A 292 2.21 12.68 -30.06
N VAL A 293 3.07 11.73 -29.67
CA VAL A 293 4.50 11.86 -29.91
C VAL A 293 4.75 11.87 -31.42
N LYS A 294 4.14 10.93 -32.12
CA LYS A 294 4.35 10.84 -33.56
C LYS A 294 3.74 12.03 -34.33
N GLU A 295 2.49 12.35 -34.03
CA GLU A 295 1.78 13.43 -34.69
C GLU A 295 2.15 14.84 -34.27
N PHE A 296 2.48 15.05 -32.99
CA PHE A 296 2.84 16.40 -32.54
C PHE A 296 4.31 16.55 -32.10
N GLY A 297 5.01 15.43 -31.93
CA GLY A 297 6.39 15.49 -31.47
C GLY A 297 6.58 16.08 -30.08
N ILE A 298 5.58 15.85 -29.22
CA ILE A 298 5.62 16.32 -27.83
C ILE A 298 5.21 15.12 -26.96
N ILE A 299 5.52 15.19 -25.67
CA ILE A 299 5.23 14.08 -24.75
C ILE A 299 5.07 14.65 -23.34
N THR A 300 4.39 13.93 -22.45
CA THR A 300 4.23 14.39 -21.06
C THR A 300 5.60 14.18 -20.41
N PRO A 301 5.99 15.05 -19.47
CA PRO A 301 7.30 14.83 -18.87
C PRO A 301 7.28 13.82 -17.74
N PRO A 302 8.45 13.27 -17.38
CA PRO A 302 8.49 12.30 -16.28
C PRO A 302 8.42 13.11 -14.98
N GLY A 303 7.93 12.52 -13.91
CA GLY A 303 7.90 13.29 -12.69
C GLY A 303 9.27 13.34 -12.00
N PHE A 304 9.36 14.12 -10.93
CA PHE A 304 10.57 14.17 -10.11
C PHE A 304 10.26 14.85 -8.80
N SER A 305 11.10 14.57 -7.81
CA SER A 305 10.97 15.11 -6.45
C SER A 305 10.79 16.61 -6.40
N ASP A 306 10.03 17.09 -5.41
CA ASP A 306 9.84 18.53 -5.30
C ASP A 306 10.96 19.20 -4.45
N LEU A 307 11.94 18.40 -4.02
CA LEU A 307 13.08 18.94 -3.27
C LEU A 307 14.23 19.22 -4.25
N ILE A 308 14.75 20.44 -4.24
CA ILE A 308 15.85 20.75 -5.15
C ILE A 308 17.13 20.01 -4.71
N ASN A 309 17.96 19.63 -5.68
CA ASN A 309 19.20 18.90 -5.42
C ASN A 309 18.99 17.47 -4.87
N ASP A 310 17.81 16.91 -5.11
CA ASP A 310 17.49 15.58 -4.66
C ASP A 310 18.25 14.60 -5.57
N PRO A 311 19.08 13.72 -4.99
CA PRO A 311 19.83 12.78 -5.81
C PRO A 311 19.05 11.65 -6.48
N GLN A 312 17.80 11.42 -6.09
CA GLN A 312 17.04 10.33 -6.71
C GLN A 312 16.73 10.64 -8.17
N PRO A 313 16.60 9.58 -8.99
CA PRO A 313 16.30 9.70 -10.41
C PRO A 313 14.86 10.13 -10.70
N THR A 314 14.61 10.56 -11.93
CA THR A 314 13.27 10.99 -12.30
C THR A 314 12.31 9.80 -12.27
N TRP A 315 11.02 10.07 -12.11
CA TRP A 315 9.98 9.03 -12.07
C TRP A 315 9.42 8.91 -13.50
N ASP A 316 10.03 8.08 -14.33
CA ASP A 316 9.61 8.00 -15.72
C ASP A 316 8.24 7.38 -16.01
N ASP A 317 7.66 6.66 -15.05
CA ASP A 317 6.40 6.01 -15.32
C ASP A 317 5.18 6.81 -14.90
N VAL A 318 5.42 8.03 -14.42
CA VAL A 318 4.34 8.93 -14.01
C VAL A 318 4.67 10.35 -14.43
N THR A 319 3.66 11.21 -14.37
CA THR A 319 3.78 12.62 -14.75
C THR A 319 2.84 13.33 -13.78
N PHE A 320 2.90 14.66 -13.73
CA PHE A 320 2.05 15.40 -12.81
C PHE A 320 0.79 15.94 -13.47
N LEU A 321 -0.28 16.08 -12.70
CA LEU A 321 -1.54 16.62 -13.21
C LEU A 321 -1.48 18.13 -13.01
N ARG A 322 -2.09 18.87 -13.94
CA ARG A 322 -2.09 20.32 -13.88
C ARG A 322 -3.15 20.81 -12.89
N LEU A 323 -2.76 21.02 -11.64
CA LEU A 323 -3.71 21.44 -10.60
C LEU A 323 -4.26 22.87 -10.72
N TYR A 324 -3.50 23.75 -11.36
CA TYR A 324 -3.92 25.13 -11.58
C TYR A 324 -3.85 25.52 -13.05
N LEU A 325 -4.80 26.35 -13.48
CA LEU A 325 -4.82 26.81 -14.86
C LEU A 325 -3.72 27.83 -15.11
N ASP A 326 -3.39 28.60 -14.08
CA ASP A 326 -2.34 29.62 -14.14
C ASP A 326 -1.07 29.11 -13.46
N HIS A 327 0.05 29.84 -13.62
CA HIS A 327 1.32 29.47 -13.00
C HIS A 327 1.24 29.89 -11.55
N PRO A 328 2.12 29.33 -10.69
CA PRO A 328 2.08 29.71 -9.28
C PRO A 328 2.16 31.22 -9.10
N GLU A 329 1.28 31.76 -8.25
CA GLU A 329 1.21 33.20 -8.02
C GLU A 329 2.56 33.85 -7.72
N ALA A 330 3.26 33.34 -6.71
CA ALA A 330 4.56 33.88 -6.32
C ALA A 330 5.69 33.75 -7.35
N SER A 331 5.43 33.08 -8.47
CA SER A 331 6.49 32.90 -9.46
C SER A 331 6.23 33.64 -10.77
N LYS A 332 5.00 34.10 -10.95
CA LYS A 332 4.63 34.81 -12.18
C LYS A 332 5.58 35.93 -12.53
N ARG A 333 6.02 36.70 -11.54
CA ARG A 333 6.92 37.83 -11.80
C ARG A 333 8.32 37.45 -12.25
N PHE A 334 8.53 36.19 -12.62
CA PHE A 334 9.85 35.72 -13.05
C PHE A 334 9.76 35.05 -14.40
N LEU A 335 8.54 34.96 -14.94
CA LEU A 335 8.32 34.28 -16.21
C LEU A 335 8.18 35.15 -17.44
N ASP A 336 8.65 34.64 -18.57
CA ASP A 336 8.52 35.40 -19.78
C ASP A 336 7.08 35.29 -20.18
N PRO A 337 6.49 36.38 -20.67
CA PRO A 337 5.09 36.29 -21.06
C PRO A 337 5.00 35.15 -22.06
N ASN A 338 3.83 34.51 -22.13
CA ASN A 338 3.59 33.41 -23.05
C ASN A 338 4.24 32.08 -22.66
N GLN A 339 4.75 32.03 -21.42
CA GLN A 339 5.38 30.83 -20.88
C GLN A 339 4.32 29.74 -20.77
N PRO A 340 4.51 28.63 -21.48
CA PRO A 340 3.52 27.55 -21.40
C PRO A 340 3.53 26.92 -19.98
N PRO A 341 2.53 26.07 -19.68
CA PRO A 341 2.51 25.45 -18.34
C PRO A 341 3.76 24.57 -18.21
N TYR A 342 4.43 24.68 -17.07
CA TYR A 342 5.66 23.93 -16.82
C TYR A 342 5.66 23.29 -15.42
N VAL A 343 6.56 22.32 -15.25
CA VAL A 343 6.77 21.64 -13.99
C VAL A 343 8.09 22.09 -13.35
N LEU A 344 8.01 22.49 -12.09
CA LEU A 344 9.20 22.87 -11.31
C LEU A 344 8.83 22.61 -9.85
N TYR A 345 9.81 22.61 -8.96
CA TYR A 345 9.59 22.32 -7.54
C TYR A 345 8.36 22.98 -6.93
N ASP A 346 8.14 24.24 -7.29
CA ASP A 346 7.01 24.99 -6.75
C ASP A 346 5.68 24.52 -7.31
N VAL A 347 5.59 24.36 -8.62
CA VAL A 347 4.37 23.87 -9.26
C VAL A 347 3.97 22.50 -8.65
N ILE A 348 4.95 21.65 -8.34
CA ILE A 348 4.66 20.32 -7.76
C ILE A 348 3.98 20.41 -6.38
N LYS A 349 4.52 21.23 -5.49
CA LYS A 349 3.93 21.37 -4.18
C LYS A 349 2.86 22.47 -4.21
N ALA A 350 1.75 22.19 -4.89
CA ALA A 350 0.66 23.17 -5.05
C ALA A 350 0.16 23.70 -3.72
N SER A 351 0.35 22.90 -2.67
CA SER A 351 -0.06 23.28 -1.34
C SER A 351 0.74 24.49 -0.82
N LYS A 352 1.94 24.68 -1.36
CA LYS A 352 2.77 25.80 -0.94
C LYS A 352 2.87 26.96 -1.94
N PHE A 353 2.78 26.67 -3.24
CA PHE A 353 2.86 27.72 -4.27
C PHE A 353 1.69 27.53 -5.23
N PRO A 354 0.51 27.99 -4.80
CA PRO A 354 -0.71 27.86 -5.61
C PRO A 354 -0.88 29.02 -6.57
N GLY A 355 -1.74 28.79 -7.56
CA GLY A 355 -2.07 29.82 -8.53
C GLY A 355 -3.38 30.47 -8.07
N LYS A 356 -3.94 31.37 -8.85
CA LYS A 356 -5.20 31.97 -8.47
C LYS A 356 -6.36 31.27 -9.18
N GLU A 357 -6.06 30.39 -10.13
CA GLU A 357 -7.12 29.69 -10.86
C GLU A 357 -7.12 28.15 -10.75
N PRO A 358 -7.82 27.60 -9.73
CA PRO A 358 -7.89 26.14 -9.57
C PRO A 358 -8.50 25.48 -10.80
N ASN A 359 -8.03 24.30 -11.15
CA ASN A 359 -8.58 23.58 -12.29
C ASN A 359 -9.78 22.83 -11.73
N ARG A 360 -10.88 23.56 -11.50
CA ARG A 360 -12.12 23.02 -10.91
C ARG A 360 -12.61 21.71 -11.49
N GLU A 361 -12.62 21.61 -12.80
CA GLU A 361 -13.11 20.38 -13.39
C GLU A 361 -12.24 19.18 -12.99
N LEU A 362 -10.94 19.41 -12.82
CA LEU A 362 -10.02 18.34 -12.41
C LEU A 362 -10.26 18.06 -10.93
N TRP A 363 -10.36 19.13 -10.16
CA TRP A 363 -10.59 19.03 -8.73
C TRP A 363 -11.83 18.19 -8.41
N GLU A 364 -12.88 18.39 -9.20
CA GLU A 364 -14.12 17.66 -9.00
C GLU A 364 -13.93 16.20 -9.32
N TYR A 365 -13.22 15.94 -10.42
CA TYR A 365 -12.97 14.56 -10.84
C TYR A 365 -12.21 13.85 -9.74
N LEU A 366 -11.14 14.48 -9.27
CA LEU A 366 -10.31 13.90 -8.24
C LEU A 366 -11.11 13.59 -6.97
N ALA A 367 -11.98 14.53 -6.59
CA ALA A 367 -12.80 14.38 -5.38
C ALA A 367 -13.96 13.42 -5.56
N GLY A 368 -14.04 12.80 -6.73
CA GLY A 368 -15.09 11.85 -7.01
C GLY A 368 -14.55 10.44 -7.19
N VAL A 369 -13.22 10.27 -7.14
CA VAL A 369 -12.63 8.93 -7.31
C VAL A 369 -12.95 7.97 -6.16
N ILE A 370 -12.67 8.34 -4.91
CA ILE A 370 -12.94 7.42 -3.82
C ILE A 370 -14.42 7.10 -3.65
N PRO A 371 -15.30 8.14 -3.69
CA PRO A 371 -16.74 7.92 -3.56
C PRO A 371 -17.22 6.97 -4.63
N HIS A 372 -16.57 7.00 -5.79
CA HIS A 372 -16.96 6.06 -6.84
C HIS A 372 -16.76 4.63 -6.32
N TYR A 373 -15.71 4.43 -5.51
CA TYR A 373 -15.41 3.10 -4.93
C TYR A 373 -16.28 2.76 -3.73
N GLN A 374 -16.55 3.75 -2.91
CA GLN A 374 -17.44 3.54 -1.76
C GLN A 374 -18.83 3.09 -2.32
N LYS A 375 -19.41 3.89 -3.19
CA LYS A 375 -20.72 3.59 -3.76
C LYS A 375 -20.76 2.34 -4.62
N LYS A 376 -19.74 2.12 -5.43
CA LYS A 376 -19.78 0.96 -6.29
C LYS A 376 -19.47 -0.39 -5.63
N TYR A 377 -18.52 -0.40 -4.70
CA TYR A 377 -18.11 -1.63 -4.05
C TYR A 377 -18.22 -1.63 -2.54
N GLY A 378 -18.45 -0.46 -1.97
CA GLY A 378 -18.61 -0.37 -0.53
C GLY A 378 -17.32 -0.46 0.26
N ILE A 379 -16.22 0.13 -0.25
CA ILE A 379 -14.97 0.04 0.46
C ILE A 379 -15.12 0.80 1.77
N ASP A 380 -14.30 0.44 2.76
CA ASP A 380 -14.38 1.02 4.10
C ASP A 380 -13.41 2.11 4.48
N GLY A 381 -12.34 2.24 3.71
CA GLY A 381 -11.35 3.25 4.00
C GLY A 381 -10.35 3.42 2.88
N ALA A 382 -9.40 4.33 3.07
CA ALA A 382 -8.42 4.54 2.02
C ALA A 382 -7.19 5.26 2.50
N ARG A 383 -6.09 5.04 1.78
CA ARG A 383 -4.84 5.72 2.04
C ARG A 383 -4.67 6.68 0.86
N LEU A 384 -4.32 7.92 1.17
CA LEU A 384 -4.11 8.95 0.19
C LEU A 384 -2.60 9.23 0.12
N ASP A 385 -2.02 9.07 -1.07
CA ASP A 385 -0.61 9.27 -1.27
C ASP A 385 -0.29 10.65 -1.87
N MET A 386 0.83 11.22 -1.42
CA MET A 386 1.30 12.51 -1.89
C MET A 386 0.37 13.67 -1.53
N GLY A 387 -0.31 13.52 -0.40
CA GLY A 387 -1.21 14.55 0.11
C GLY A 387 -0.47 15.84 0.46
N HIS A 388 0.84 15.75 0.68
CA HIS A 388 1.63 16.94 1.01
C HIS A 388 1.55 18.00 -0.09
N ALA A 389 1.42 17.53 -1.33
CA ALA A 389 1.38 18.42 -2.50
C ALA A 389 0.02 19.03 -2.86
N LEU A 390 -1.06 18.52 -2.28
CA LEU A 390 -2.41 18.98 -2.60
C LEU A 390 -2.85 20.23 -1.87
N PRO A 391 -3.46 21.18 -2.59
CA PRO A 391 -3.94 22.42 -1.96
C PRO A 391 -4.96 22.07 -0.87
N LYS A 392 -4.96 22.82 0.22
CA LYS A 392 -5.90 22.55 1.32
C LYS A 392 -7.37 22.41 0.88
N GLU A 393 -7.78 23.24 -0.08
CA GLU A 393 -9.15 23.25 -0.57
C GLU A 393 -9.50 21.97 -1.31
N LEU A 394 -8.56 21.46 -2.10
CA LEU A 394 -8.77 20.23 -2.84
C LEU A 394 -8.78 19.02 -1.87
N LEU A 395 -7.91 19.03 -0.86
CA LEU A 395 -7.86 17.91 0.10
C LEU A 395 -9.15 17.93 0.94
N ASP A 396 -9.60 19.12 1.30
CA ASP A 396 -10.83 19.25 2.08
C ASP A 396 -12.03 18.70 1.29
N LEU A 397 -12.10 19.06 0.01
CA LEU A 397 -13.20 18.57 -0.81
C LEU A 397 -13.17 17.05 -0.89
N ILE A 398 -11.97 16.49 -1.12
CA ILE A 398 -11.81 15.03 -1.23
C ILE A 398 -12.31 14.29 0.02
N ILE A 399 -11.99 14.83 1.18
CA ILE A 399 -12.37 14.19 2.44
C ILE A 399 -13.85 14.42 2.75
N LYS A 400 -14.34 15.62 2.42
CA LYS A 400 -15.74 15.93 2.63
C LYS A 400 -16.61 14.93 1.87
N ASN A 401 -16.29 14.71 0.59
CA ASN A 401 -17.08 13.79 -0.21
C ASN A 401 -17.15 12.35 0.29
N VAL A 402 -16.05 11.82 0.82
CA VAL A 402 -16.08 10.44 1.32
C VAL A 402 -16.82 10.39 2.65
N LYS A 403 -16.54 11.34 3.54
CA LYS A 403 -17.18 11.41 4.84
C LYS A 403 -18.68 11.70 4.70
N GLU A 404 -19.05 12.39 3.63
CA GLU A 404 -20.43 12.74 3.34
C GLU A 404 -21.22 11.47 3.11
N TYR A 405 -20.63 10.54 2.38
CA TYR A 405 -21.28 9.29 2.06
C TYR A 405 -21.22 8.29 3.22
N ASP A 406 -20.10 8.29 3.93
CA ASP A 406 -19.90 7.36 5.03
C ASP A 406 -19.03 8.02 6.07
N PRO A 407 -19.62 8.55 7.14
CA PRO A 407 -18.87 9.22 8.21
C PRO A 407 -17.96 8.29 9.03
N ALA A 408 -18.08 6.99 8.84
CA ALA A 408 -17.23 6.04 9.54
C ALA A 408 -15.97 5.69 8.73
N PHE A 409 -15.91 6.21 7.48
CA PHE A 409 -14.79 5.99 6.54
C PHE A 409 -13.45 6.44 7.15
N VAL A 410 -12.44 5.59 7.03
CA VAL A 410 -11.11 5.87 7.59
C VAL A 410 -10.14 6.39 6.52
N MET A 411 -9.64 7.60 6.72
CA MET A 411 -8.67 8.20 5.81
C MET A 411 -7.26 8.02 6.41
N ILE A 412 -6.37 7.35 5.66
CA ILE A 412 -5.00 7.14 6.12
C ILE A 412 -4.03 8.06 5.37
N ALA A 413 -3.28 8.85 6.12
CA ALA A 413 -2.30 9.74 5.53
C ALA A 413 -0.98 9.00 5.27
N GLU A 414 -0.37 9.26 4.12
CA GLU A 414 0.91 8.67 3.78
C GLU A 414 1.88 9.64 4.44
N GLU A 415 1.98 9.58 5.76
CA GLU A 415 2.84 10.47 6.54
C GLU A 415 3.81 9.61 7.30
N LEU A 416 5.10 9.68 6.94
CA LEU A 416 6.11 8.85 7.60
C LEU A 416 6.65 9.48 8.87
N ASP A 417 6.51 10.80 8.98
CA ASP A 417 7.02 11.51 10.14
C ASP A 417 6.01 11.48 11.28
N MET A 418 6.31 10.71 12.32
CA MET A 418 5.40 10.57 13.44
C MET A 418 5.20 11.83 14.25
N GLU A 419 5.98 12.87 13.91
CA GLU A 419 5.85 14.17 14.55
C GLU A 419 4.81 14.99 13.78
N LYS A 420 4.47 14.56 12.57
CA LYS A 420 3.46 15.30 11.81
C LYS A 420 2.03 14.81 12.06
N ASP A 421 1.81 14.15 13.19
CA ASP A 421 0.49 13.63 13.52
C ASP A 421 -0.51 14.79 13.74
N LYS A 422 -0.09 15.77 14.52
CA LYS A 422 -0.96 16.92 14.78
C LYS A 422 -1.41 17.58 13.48
N ALA A 423 -0.47 17.79 12.56
CA ALA A 423 -0.82 18.40 11.29
C ALA A 423 -1.75 17.50 10.46
N SER A 424 -1.54 16.19 10.51
CA SER A 424 -2.35 15.26 9.74
C SER A 424 -3.77 15.25 10.29
N LYS A 425 -3.90 15.34 11.61
CA LYS A 425 -5.20 15.38 12.24
C LYS A 425 -5.90 16.66 11.83
N GLU A 426 -5.14 17.75 11.83
CA GLU A 426 -5.67 19.05 11.43
C GLU A 426 -6.05 19.06 9.95
N ALA A 427 -5.45 18.18 9.16
CA ALA A 427 -5.76 18.11 7.75
C ALA A 427 -7.04 17.32 7.48
N GLY A 428 -7.51 16.55 8.47
CA GLY A 428 -8.72 15.76 8.29
C GLY A 428 -8.50 14.24 8.24
N TYR A 429 -7.26 13.78 8.45
CA TYR A 429 -6.96 12.36 8.43
C TYR A 429 -7.30 11.67 9.75
N ASP A 430 -7.46 10.35 9.70
CA ASP A 430 -7.81 9.58 10.87
C ASP A 430 -6.69 8.67 11.36
N VAL A 431 -5.70 8.42 10.51
CA VAL A 431 -4.59 7.52 10.84
C VAL A 431 -3.33 7.99 10.14
N ILE A 432 -2.14 7.68 10.67
CA ILE A 432 -0.91 8.02 9.96
C ILE A 432 -0.11 6.75 9.74
N LEU A 433 0.63 6.73 8.64
CA LEU A 433 1.48 5.61 8.28
C LEU A 433 2.63 5.43 9.31
N GLY A 434 3.33 6.53 9.63
CA GLY A 434 4.45 6.50 10.58
C GLY A 434 5.69 5.77 10.07
N SER A 435 6.70 5.59 10.92
CA SER A 435 7.91 4.89 10.46
C SER A 435 8.45 3.94 11.50
N SER A 436 7.55 3.36 12.29
CA SER A 436 8.00 2.46 13.35
C SER A 436 8.96 1.37 12.91
N TRP A 437 8.80 0.90 11.66
CA TRP A 437 9.65 -0.19 11.17
C TRP A 437 11.13 0.15 11.21
N TYR A 438 11.44 1.44 11.17
CA TYR A 438 12.83 1.85 11.18
C TYR A 438 13.47 1.61 12.56
N PHE A 439 12.75 1.93 13.63
CA PHE A 439 13.25 1.71 14.99
C PHE A 439 13.11 0.24 15.41
N ALA A 440 11.98 -0.37 15.02
CA ALA A 440 11.73 -1.76 15.40
C ALA A 440 12.80 -2.70 14.91
N GLY A 441 13.44 -2.36 13.78
CA GLY A 441 14.49 -3.22 13.26
C GLY A 441 15.89 -2.97 13.80
N ARG A 442 16.03 -1.99 14.70
CA ARG A 442 17.35 -1.65 15.26
C ARG A 442 17.35 -1.75 16.79
N VAL A 443 18.07 -2.72 17.34
CA VAL A 443 18.15 -2.91 18.79
C VAL A 443 18.56 -1.62 19.49
N GLU A 444 19.41 -0.84 18.84
CA GLU A 444 19.89 0.44 19.39
C GLU A 444 18.85 1.56 19.21
N GLU A 445 17.77 1.31 18.48
CA GLU A 445 16.77 2.34 18.26
C GLU A 445 15.37 1.95 18.78
N ILE A 446 15.11 0.66 18.93
CA ILE A 446 13.79 0.23 19.35
C ILE A 446 13.24 0.85 20.67
N GLY A 447 14.10 1.12 21.64
CA GLY A 447 13.63 1.71 22.88
C GLY A 447 13.00 3.09 22.78
N LYS A 448 13.20 3.77 21.66
CA LYS A 448 12.62 5.10 21.48
C LYS A 448 11.14 5.02 21.13
N LEU A 449 10.70 3.86 20.64
CA LEU A 449 9.32 3.68 20.23
C LEU A 449 8.26 3.97 21.28
N PRO A 450 8.44 3.49 22.52
CA PRO A 450 7.44 3.74 23.56
C PRO A 450 7.02 5.21 23.74
N ASP A 451 7.97 6.12 23.89
CA ASP A 451 7.62 7.54 24.03
C ASP A 451 7.02 8.12 22.73
N ILE A 452 7.57 7.69 21.60
CA ILE A 452 7.11 8.17 20.31
C ILE A 452 5.63 7.84 20.11
N ALA A 453 5.24 6.61 20.39
CA ALA A 453 3.84 6.19 20.24
C ALA A 453 2.94 6.90 21.22
N GLU A 454 3.39 7.00 22.46
CA GLU A 454 2.58 7.61 23.51
C GLU A 454 2.15 9.04 23.19
N GLU A 455 3.04 9.78 22.52
CA GLU A 455 2.74 11.19 22.19
C GLU A 455 1.77 11.40 21.01
N LEU A 456 1.44 10.36 20.26
CA LEU A 456 0.56 10.52 19.10
C LEU A 456 -0.83 11.05 19.41
N VAL A 457 -1.43 11.77 18.46
CA VAL A 457 -2.78 12.28 18.61
C VAL A 457 -3.70 11.55 17.62
N LEU A 458 -3.12 10.62 16.86
CA LEU A 458 -3.86 9.78 15.90
C LEU A 458 -3.22 8.41 15.95
N PRO A 459 -3.99 7.35 15.68
CA PRO A 459 -3.39 6.01 15.72
C PRO A 459 -2.47 5.85 14.50
N PHE A 460 -1.54 4.90 14.56
CA PHE A 460 -0.62 4.69 13.44
C PHE A 460 -0.56 3.22 13.07
N LEU A 461 -0.13 2.90 11.85
CA LEU A 461 -0.01 1.49 11.47
C LEU A 461 1.34 0.99 12.08
N ALA A 462 1.24 0.20 13.15
CA ALA A 462 2.42 -0.36 13.83
C ALA A 462 3.03 -1.48 13.00
N SER A 463 4.01 -1.14 12.16
CA SER A 463 4.64 -2.11 11.29
C SER A 463 6.12 -2.39 11.64
N VAL A 464 6.64 -3.54 11.23
CA VAL A 464 8.06 -3.83 11.42
C VAL A 464 8.71 -3.90 10.02
N GLU A 465 7.87 -3.70 9.00
CA GLU A 465 8.26 -3.68 7.59
C GLU A 465 7.03 -3.30 6.71
N THR A 466 7.30 -2.65 5.58
CA THR A 466 6.24 -2.30 4.66
C THR A 466 6.71 -2.64 3.24
N PRO A 467 5.83 -2.48 2.24
CA PRO A 467 6.24 -2.80 0.86
C PRO A 467 7.47 -2.01 0.39
N ASP A 468 7.72 -0.85 1.02
CA ASP A 468 8.84 0.00 0.64
C ASP A 468 10.17 -0.16 1.39
N THR A 469 10.19 -1.01 2.40
CA THR A 469 11.37 -1.16 3.23
C THR A 469 11.96 -2.56 3.19
N PRO A 470 13.09 -2.77 3.87
CA PRO A 470 13.62 -4.13 3.85
C PRO A 470 12.70 -5.02 4.73
N ARG A 471 12.71 -6.31 4.47
CA ARG A 471 11.90 -7.26 5.25
C ARG A 471 12.50 -7.33 6.66
N ILE A 472 11.67 -7.52 7.69
CA ILE A 472 12.19 -7.60 9.06
C ILE A 472 13.10 -8.83 9.15
N ALA A 473 12.83 -9.86 8.35
CA ALA A 473 13.63 -11.09 8.38
C ALA A 473 15.04 -10.93 7.81
N THR A 474 15.42 -9.74 7.40
CA THR A 474 16.76 -9.51 6.88
C THR A 474 17.51 -8.45 7.71
N ARG A 475 16.89 -7.96 8.78
CA ARG A 475 17.56 -6.98 9.64
C ARG A 475 18.57 -7.75 10.53
N LYS A 476 19.40 -7.01 11.25
CA LYS A 476 20.40 -7.64 12.11
C LYS A 476 19.75 -8.50 13.21
N TYR A 477 20.33 -9.68 13.51
CA TYR A 477 19.80 -10.61 14.52
C TYR A 477 18.37 -11.02 14.14
N ALA A 478 18.15 -11.12 12.85
CA ALA A 478 16.84 -11.47 12.29
C ALA A 478 16.13 -12.64 12.95
N SER A 479 16.86 -13.74 13.15
CA SER A 479 16.28 -14.93 13.75
C SER A 479 15.58 -14.61 15.07
N LYS A 480 16.02 -13.55 15.74
CA LYS A 480 15.43 -13.13 17.01
C LYS A 480 14.49 -11.95 16.77
N MET A 481 14.95 -10.99 15.98
CA MET A 481 14.16 -9.80 15.72
C MET A 481 12.83 -10.01 14.96
N LYS A 482 12.69 -11.09 14.21
CA LYS A 482 11.46 -11.35 13.45
C LYS A 482 10.29 -11.64 14.37
N LYS A 483 10.58 -11.97 15.63
CA LYS A 483 9.53 -12.17 16.65
C LYS A 483 9.56 -11.04 17.71
N LEU A 484 10.76 -10.63 18.13
CA LEU A 484 10.87 -9.57 19.15
C LEU A 484 10.33 -8.23 18.67
N ALA A 485 10.66 -7.85 17.43
CA ALA A 485 10.24 -6.58 16.87
C ALA A 485 8.69 -6.42 16.79
N PRO A 486 7.98 -7.41 16.23
CA PRO A 486 6.53 -7.22 16.17
C PRO A 486 5.87 -7.26 17.55
N PHE A 487 6.45 -8.04 18.47
CA PHE A 487 5.92 -8.12 19.83
C PHE A 487 5.95 -6.73 20.48
N VAL A 488 7.10 -6.08 20.45
CA VAL A 488 7.24 -4.78 21.07
C VAL A 488 6.36 -3.75 20.38
N THR A 489 6.35 -3.80 19.05
CA THR A 489 5.61 -2.87 18.23
C THR A 489 4.10 -3.01 18.27
N TYR A 490 3.57 -4.23 18.13
CA TYR A 490 2.13 -4.42 18.12
C TYR A 490 1.42 -4.03 19.42
N PHE A 491 2.18 -3.93 20.52
CA PHE A 491 1.58 -3.58 21.79
C PHE A 491 1.72 -2.10 22.14
N LEU A 492 2.29 -1.30 21.24
CA LEU A 492 2.50 0.12 21.54
C LEU A 492 1.18 0.88 21.68
N PRO A 493 1.23 2.03 22.34
CA PRO A 493 0.00 2.84 22.51
C PRO A 493 -0.37 3.43 21.15
N ASN A 494 -1.67 3.52 20.87
CA ASN A 494 -2.14 4.09 19.62
C ASN A 494 -1.81 3.26 18.40
N SER A 495 -1.49 2.00 18.63
CA SER A 495 -1.12 1.11 17.57
C SER A 495 -2.27 0.38 16.87
N ILE A 496 -2.05 0.13 15.58
CA ILE A 496 -2.94 -0.63 14.74
C ILE A 496 -1.97 -1.67 14.15
N PRO A 497 -1.91 -2.87 14.74
CA PRO A 497 -0.99 -3.89 14.21
C PRO A 497 -1.06 -4.01 12.70
N TYR A 498 0.11 -4.05 12.06
CA TYR A 498 0.19 -4.17 10.62
C TYR A 498 1.04 -5.40 10.26
N VAL A 499 0.48 -6.28 9.44
CA VAL A 499 1.18 -7.47 8.96
C VAL A 499 1.39 -7.26 7.46
N ASN A 500 2.66 -7.23 6.99
CA ASN A 500 3.01 -7.03 5.57
C ASN A 500 2.92 -8.36 4.81
N THR A 501 2.32 -8.37 3.61
CA THR A 501 2.16 -9.65 2.91
C THR A 501 3.50 -10.33 2.73
N GLY A 502 3.59 -11.58 3.21
CA GLY A 502 4.83 -12.33 3.12
C GLY A 502 5.57 -12.32 4.47
N GLN A 503 5.37 -11.28 5.29
CA GLN A 503 5.99 -11.18 6.62
C GLN A 503 5.64 -12.42 7.44
N GLU A 504 4.38 -12.81 7.36
CA GLU A 504 3.85 -13.96 8.10
C GLU A 504 4.56 -15.28 7.77
N ILE A 505 5.20 -15.38 6.61
CA ILE A 505 5.94 -16.62 6.31
C ILE A 505 7.44 -16.33 6.30
N GLY A 506 7.84 -15.24 6.95
CA GLY A 506 9.25 -14.86 6.99
C GLY A 506 9.95 -14.56 5.66
N GLU A 507 9.25 -13.88 4.74
CA GLU A 507 9.80 -13.53 3.43
C GLU A 507 11.05 -12.63 3.64
N LYS A 508 12.11 -12.88 2.84
CA LYS A 508 13.37 -12.13 2.94
C LYS A 508 13.54 -11.08 1.85
N GLN A 509 13.27 -11.50 0.61
CA GLN A 509 13.41 -10.62 -0.55
C GLN A 509 12.51 -9.39 -0.42
N PRO A 510 13.09 -8.20 -0.62
CA PRO A 510 12.25 -7.00 -0.53
C PRO A 510 11.36 -6.87 -1.78
N MET A 511 10.25 -6.14 -1.66
CA MET A 511 9.32 -5.93 -2.76
C MET A 511 9.74 -4.73 -3.59
N ASN A 512 10.41 -3.80 -2.91
CA ASN A 512 10.86 -2.57 -3.52
C ASN A 512 12.05 -1.98 -2.74
N LEU A 513 12.96 -1.30 -3.43
CA LEU A 513 14.11 -0.70 -2.75
C LEU A 513 13.85 0.79 -2.43
N GLY A 514 12.61 1.11 -2.09
CA GLY A 514 12.25 2.49 -1.85
C GLY A 514 12.84 3.23 -0.68
N LEU A 515 12.29 2.98 0.51
CA LEU A 515 12.72 3.61 1.75
C LEU A 515 13.75 2.80 2.51
N ASP A 516 14.75 3.49 3.07
CA ASP A 516 15.79 2.86 3.88
C ASP A 516 16.34 1.55 3.29
N THR A 517 16.44 1.44 1.97
CA THR A 517 16.93 0.16 1.43
C THR A 517 18.32 0.18 0.78
N ASP A 518 18.96 -0.97 0.85
CA ASP A 518 20.30 -1.18 0.32
C ASP A 518 20.23 -2.13 -0.88
N PRO A 519 20.78 -1.70 -2.05
CA PRO A 519 20.77 -2.51 -3.27
C PRO A 519 21.25 -3.94 -3.08
N ASN A 520 22.07 -4.18 -2.05
CA ASN A 520 22.54 -5.54 -1.80
C ASN A 520 21.43 -6.47 -1.32
N LEU A 521 20.31 -5.90 -0.87
CA LEU A 521 19.15 -6.70 -0.44
C LEU A 521 18.59 -7.45 -1.66
N ARG A 522 18.84 -6.90 -2.85
CA ARG A 522 18.45 -7.48 -4.14
C ARG A 522 19.01 -8.90 -4.27
N LYS A 523 20.05 -9.24 -3.48
CA LYS A 523 20.61 -10.57 -3.58
C LYS A 523 20.52 -11.48 -2.37
N VAL A 524 19.50 -11.29 -1.55
CA VAL A 524 19.36 -12.14 -0.39
C VAL A 524 18.93 -13.56 -0.80
N LEU A 525 18.32 -13.75 -1.96
CA LEU A 525 17.92 -15.12 -2.32
C LEU A 525 19.07 -15.89 -2.95
N SER A 526 18.92 -17.21 -3.05
CA SER A 526 19.92 -18.05 -3.70
C SER A 526 19.95 -17.78 -5.22
N PRO A 527 21.15 -17.75 -5.81
CA PRO A 527 21.27 -17.50 -7.25
C PRO A 527 20.56 -18.58 -8.04
N THR A 528 20.22 -19.69 -7.37
CA THR A 528 19.48 -20.76 -8.02
C THR A 528 17.96 -20.57 -7.85
N ASP A 529 17.55 -19.59 -7.05
CA ASP A 529 16.13 -19.34 -6.80
C ASP A 529 15.53 -18.72 -8.07
N GLU A 530 14.47 -19.32 -8.60
CA GLU A 530 13.81 -18.78 -9.77
C GLU A 530 13.57 -17.28 -9.66
N PHE A 531 13.26 -16.78 -8.47
CA PHE A 531 13.01 -15.34 -8.33
C PHE A 531 14.17 -14.50 -7.84
N PHE A 532 15.39 -15.03 -8.00
CA PHE A 532 16.59 -14.31 -7.57
C PHE A 532 16.69 -12.93 -8.16
N GLY A 533 16.94 -11.93 -7.30
CA GLY A 533 17.09 -10.56 -7.79
C GLY A 533 15.82 -9.77 -8.13
N LYS A 534 14.65 -10.43 -8.18
CA LYS A 534 13.42 -9.76 -8.56
C LYS A 534 12.73 -8.94 -7.47
N LEU A 535 12.17 -7.80 -7.86
CA LEU A 535 11.42 -6.93 -6.95
C LEU A 535 9.95 -6.90 -7.38
N ALA A 536 9.06 -7.42 -6.53
CA ALA A 536 7.63 -7.50 -6.83
C ALA A 536 6.95 -6.28 -7.46
N PHE A 537 7.42 -5.07 -7.13
CA PHE A 537 6.83 -3.84 -7.67
C PHE A 537 6.97 -3.72 -9.17
N PHE A 538 8.05 -4.30 -9.70
CA PHE A 538 8.37 -4.20 -11.10
C PHE A 538 8.56 -5.48 -11.86
N ASP A 539 8.42 -6.62 -11.19
CA ASP A 539 8.61 -7.90 -11.85
C ASP A 539 7.69 -8.97 -11.28
N HIS A 540 7.43 -9.99 -12.06
CA HIS A 540 6.59 -11.07 -11.60
C HIS A 540 7.37 -11.73 -10.46
N TYR A 541 6.68 -11.95 -9.35
CA TYR A 541 7.26 -12.52 -8.13
C TYR A 541 6.26 -13.37 -7.36
N VAL A 542 6.69 -14.54 -6.94
CA VAL A 542 5.86 -15.43 -6.14
C VAL A 542 6.52 -15.56 -4.75
N LEU A 543 5.79 -15.24 -3.67
CA LEU A 543 6.29 -15.35 -2.29
C LEU A 543 6.65 -16.82 -2.06
N HIS A 544 7.48 -17.11 -1.06
CA HIS A 544 7.91 -18.50 -0.84
C HIS A 544 6.96 -19.36 -0.01
N TRP A 545 5.73 -19.51 -0.50
CA TRP A 545 4.70 -20.30 0.16
C TRP A 545 5.10 -21.75 0.30
N ASP A 546 5.92 -22.24 -0.63
CA ASP A 546 6.33 -23.63 -0.56
C ASP A 546 7.46 -23.91 0.48
N SER A 547 8.11 -22.86 0.97
CA SER A 547 9.19 -23.06 1.95
C SER A 547 9.05 -21.93 2.95
N PRO A 548 7.91 -21.86 3.64
CA PRO A 548 7.65 -20.80 4.62
C PRO A 548 8.39 -20.96 5.93
N ASP A 549 8.48 -19.85 6.66
CA ASP A 549 9.13 -19.85 7.97
C ASP A 549 7.94 -20.18 8.88
N ARG A 550 7.73 -21.46 9.15
CA ARG A 550 6.58 -21.84 9.97
C ARG A 550 6.66 -21.32 11.39
N GLY A 551 7.87 -21.14 11.90
CA GLY A 551 8.02 -20.63 13.25
C GLY A 551 7.48 -19.22 13.35
N VAL A 552 7.70 -18.41 12.31
CA VAL A 552 7.21 -17.04 12.31
C VAL A 552 5.70 -17.04 12.09
N LEU A 553 5.23 -17.89 11.16
CA LEU A 553 3.81 -17.99 10.88
C LEU A 553 3.01 -18.26 12.18
N ASN A 554 3.46 -19.26 12.94
CA ASN A 554 2.76 -19.61 14.18
C ASN A 554 2.83 -18.52 15.26
N PHE A 555 4.01 -17.95 15.45
CA PHE A 555 4.17 -16.89 16.44
C PHE A 555 3.27 -15.68 16.12
N ILE A 556 3.24 -15.26 14.85
CA ILE A 556 2.42 -14.13 14.46
C ILE A 556 0.93 -14.38 14.79
N LYS A 557 0.44 -15.56 14.47
CA LYS A 557 -0.95 -15.87 14.77
C LYS A 557 -1.19 -15.77 16.29
N LYS A 558 -0.30 -16.36 17.07
CA LYS A 558 -0.47 -16.33 18.53
C LYS A 558 -0.27 -14.94 19.11
N LEU A 559 0.66 -14.17 18.54
CA LEU A 559 0.89 -12.84 19.01
C LEU A 559 -0.34 -11.96 18.80
N ILE A 560 -0.94 -12.00 17.61
CA ILE A 560 -2.12 -11.17 17.33
C ILE A 560 -3.27 -11.58 18.27
N LYS A 561 -3.41 -12.88 18.48
CA LYS A 561 -4.48 -13.38 19.34
C LYS A 561 -4.30 -12.91 20.82
N VAL A 562 -3.07 -12.99 21.34
CA VAL A 562 -2.82 -12.54 22.72
C VAL A 562 -2.96 -11.00 22.83
N ARG A 563 -2.48 -10.31 21.81
CA ARG A 563 -2.55 -8.86 21.81
C ARG A 563 -4.01 -8.45 21.85
N HIS A 564 -4.84 -9.19 21.12
CA HIS A 564 -6.24 -8.84 21.12
C HIS A 564 -6.93 -9.21 22.42
N GLU A 565 -6.46 -10.28 23.05
CA GLU A 565 -6.98 -10.69 24.35
C GLU A 565 -6.81 -9.53 25.37
N PHE A 566 -5.79 -8.70 25.18
CA PHE A 566 -5.52 -7.61 26.10
C PHE A 566 -5.72 -6.23 25.51
N LEU A 567 -6.47 -6.19 24.41
CA LEU A 567 -6.72 -4.95 23.70
C LEU A 567 -7.21 -3.79 24.57
N ASP A 568 -8.04 -4.11 25.57
CA ASP A 568 -8.59 -3.08 26.45
C ASP A 568 -7.50 -2.33 27.22
N PHE A 569 -6.42 -3.03 27.55
CA PHE A 569 -5.30 -2.39 28.22
C PHE A 569 -4.64 -1.39 27.27
N VAL A 570 -4.26 -1.87 26.08
CA VAL A 570 -3.62 -1.02 25.08
C VAL A 570 -4.44 0.22 24.79
N LEU A 571 -5.73 0.03 24.54
CA LEU A 571 -6.62 1.16 24.21
C LEU A 571 -7.01 2.07 25.36
N ASN A 572 -7.31 1.51 26.52
CA ASN A 572 -7.77 2.32 27.65
C ASN A 572 -6.98 2.30 28.93
N GLY A 573 -5.98 1.43 29.05
CA GLY A 573 -5.21 1.38 30.28
C GLY A 573 -4.34 2.62 30.41
N LYS A 574 -3.78 2.86 31.58
CA LYS A 574 -2.88 3.99 31.76
C LYS A 574 -1.52 3.49 31.37
N PHE A 575 -0.84 4.24 30.50
CA PHE A 575 0.49 3.85 30.03
C PHE A 575 1.61 4.41 30.90
N GLU A 576 2.66 3.62 31.08
CA GLU A 576 3.84 4.07 31.82
C GLU A 576 5.08 3.48 31.16
N ASN A 577 6.02 4.34 30.78
CA ASN A 577 7.25 3.91 30.14
C ASN A 577 8.26 3.45 31.20
N LEU A 578 8.88 2.29 31.00
CA LEU A 578 9.85 1.75 31.96
C LEU A 578 11.15 1.35 31.25
N THR A 579 11.33 1.85 30.03
CA THR A 579 12.49 1.54 29.22
C THR A 579 13.82 2.08 29.78
N THR A 580 14.86 1.24 29.70
CA THR A 580 16.21 1.58 30.16
C THR A 580 17.17 1.33 28.98
N LYS A 581 18.46 1.50 29.21
CA LYS A 581 19.44 1.29 28.14
C LYS A 581 19.31 -0.10 27.52
N ASP A 582 19.41 -1.11 28.38
CA ASP A 582 19.36 -2.53 27.98
C ASP A 582 17.95 -3.14 27.94
N LEU A 583 16.95 -2.40 28.41
CA LEU A 583 15.63 -2.99 28.45
C LEU A 583 14.51 -2.12 27.92
N VAL A 584 13.85 -2.55 26.85
CA VAL A 584 12.72 -1.79 26.33
C VAL A 584 11.50 -2.32 27.13
N MET A 585 10.78 -1.44 27.80
CA MET A 585 9.70 -1.92 28.65
C MET A 585 8.67 -0.84 28.97
N TYR A 586 7.42 -1.25 29.07
CA TYR A 586 6.35 -0.32 29.41
C TYR A 586 5.15 -1.09 29.96
N SER A 587 4.22 -0.37 30.57
CA SER A 587 3.11 -1.07 31.16
C SER A 587 1.81 -0.36 30.96
N TYR A 588 0.73 -1.12 31.13
CA TYR A 588 -0.63 -0.59 31.01
C TYR A 588 -1.34 -1.03 32.29
N GLU A 589 -1.90 -0.07 33.01
CA GLU A 589 -2.60 -0.41 34.24
C GLU A 589 -4.09 -0.07 34.06
N LYS A 590 -4.94 -0.98 34.48
CA LYS A 590 -6.35 -0.73 34.37
C LYS A 590 -7.17 -1.51 35.39
N ASN A 591 -8.06 -0.82 36.10
CA ASN A 591 -8.91 -1.45 37.10
C ASN A 591 -8.09 -2.29 38.07
N GLY A 592 -7.01 -1.70 38.58
CA GLY A 592 -6.16 -2.40 39.53
C GLY A 592 -5.28 -3.48 38.94
N GLN A 593 -5.50 -3.82 37.68
CA GLN A 593 -4.70 -4.86 37.05
C GLN A 593 -3.61 -4.20 36.21
N LYS A 594 -2.58 -4.98 35.87
CA LYS A 594 -1.49 -4.45 35.06
C LYS A 594 -0.77 -5.47 34.21
N ILE A 595 -0.43 -5.08 32.97
CA ILE A 595 0.35 -5.97 32.11
C ILE A 595 1.64 -5.25 31.77
N VAL A 596 2.70 -6.01 31.56
CA VAL A 596 4.00 -5.42 31.25
C VAL A 596 4.60 -6.03 29.99
N ILE A 597 5.05 -5.17 29.06
CA ILE A 597 5.68 -5.63 27.81
C ILE A 597 7.19 -5.45 27.97
N ALA A 598 7.98 -6.50 27.77
CA ALA A 598 9.43 -6.40 27.98
C ALA A 598 10.26 -7.11 26.96
N ALA A 599 11.40 -6.51 26.62
CA ALA A 599 12.33 -7.08 25.65
C ALA A 599 13.75 -6.67 26.00
N ASN A 600 14.64 -7.65 26.08
CA ASN A 600 16.02 -7.38 26.42
C ASN A 600 16.86 -7.19 25.18
N VAL A 601 17.32 -5.97 24.95
CA VAL A 601 18.17 -5.72 23.80
C VAL A 601 19.62 -5.40 24.22
N GLY A 602 19.98 -5.83 25.44
CA GLY A 602 21.32 -5.60 25.95
C GLY A 602 22.25 -6.77 25.74
N LYS A 603 23.43 -6.71 26.35
CA LYS A 603 24.42 -7.76 26.19
C LYS A 603 24.40 -8.79 27.33
N GLU A 604 23.74 -8.44 28.42
CA GLU A 604 23.66 -9.34 29.56
C GLU A 604 22.22 -9.62 29.96
N PRO A 605 21.97 -10.81 30.55
CA PRO A 605 20.59 -11.12 30.95
C PRO A 605 20.07 -10.13 31.97
N LYS A 606 18.75 -10.06 32.13
CA LYS A 606 18.13 -9.14 33.08
C LYS A 606 16.93 -9.82 33.66
N GLU A 607 16.60 -9.54 34.91
CA GLU A 607 15.47 -10.18 35.56
C GLU A 607 14.41 -9.17 35.87
N ILE A 608 13.15 -9.62 35.84
CA ILE A 608 12.02 -8.73 36.12
C ILE A 608 10.93 -9.50 36.84
N THR A 609 10.00 -8.77 37.43
CA THR A 609 8.87 -9.35 38.14
C THR A 609 8.10 -10.33 37.25
N GLY A 610 7.66 -11.43 37.85
CA GLY A 610 6.93 -12.45 37.13
C GLY A 610 5.43 -12.39 37.28
N GLY A 611 4.80 -13.55 37.22
CA GLY A 611 3.34 -13.64 37.33
C GLY A 611 2.97 -14.62 36.23
N ARG A 612 1.94 -14.34 35.44
CA ARG A 612 1.63 -15.20 34.31
C ARG A 612 2.41 -14.59 33.12
N VAL A 613 3.29 -15.37 32.50
CA VAL A 613 4.15 -14.87 31.45
C VAL A 613 3.91 -15.47 30.07
N TRP A 614 3.87 -14.59 29.06
CA TRP A 614 3.69 -15.01 27.67
C TRP A 614 4.89 -14.60 26.81
N ASN A 615 5.40 -15.54 26.04
CA ASN A 615 6.53 -15.24 25.17
C ASN A 615 6.39 -16.13 23.93
N GLY A 616 5.14 -16.52 23.66
CA GLY A 616 4.87 -17.42 22.54
C GLY A 616 4.08 -18.54 23.15
N LYS A 617 4.39 -18.77 24.42
CA LYS A 617 3.71 -19.81 25.23
C LYS A 617 3.46 -19.21 26.63
N TRP A 618 2.46 -19.73 27.32
CA TRP A 618 2.15 -19.25 28.65
C TRP A 618 2.85 -20.08 29.73
N SER A 619 3.44 -19.40 30.70
CA SER A 619 4.07 -20.07 31.84
C SER A 619 3.75 -19.25 33.11
N ASP A 620 4.14 -19.74 34.28
CA ASP A 620 3.90 -19.00 35.53
C ASP A 620 5.13 -19.11 36.40
N GLU A 621 5.77 -17.98 36.69
CA GLU A 621 6.96 -17.92 37.56
C GLU A 621 7.03 -16.56 38.21
N GLU A 622 7.56 -16.51 39.42
CA GLU A 622 7.63 -15.25 40.17
C GLU A 622 8.66 -14.27 39.66
N LYS A 623 9.71 -14.79 39.04
CA LYS A 623 10.75 -13.94 38.47
C LYS A 623 10.98 -14.38 37.03
N VAL A 624 11.25 -13.42 36.14
CA VAL A 624 11.54 -13.74 34.75
C VAL A 624 12.92 -13.26 34.38
N VAL A 625 13.75 -14.19 33.90
CA VAL A 625 15.08 -13.83 33.48
C VAL A 625 15.17 -13.73 31.94
N LEU A 626 15.32 -12.51 31.44
CA LEU A 626 15.43 -12.25 30.01
C LEU A 626 16.86 -12.21 29.50
N LYS A 627 17.29 -13.26 28.80
CA LYS A 627 18.62 -13.25 28.24
C LYS A 627 18.59 -12.21 27.11
N PRO A 628 19.72 -11.95 26.46
CA PRO A 628 19.71 -10.95 25.37
C PRO A 628 18.77 -11.38 24.24
N LEU A 629 17.97 -10.42 23.76
CA LEU A 629 17.01 -10.64 22.67
C LEU A 629 15.81 -11.56 23.00
N GLU A 630 15.48 -11.67 24.28
CA GLU A 630 14.31 -12.42 24.66
C GLU A 630 13.30 -11.36 25.12
N PHE A 631 12.03 -11.75 25.16
CA PHE A 631 10.98 -10.84 25.53
C PHE A 631 9.89 -11.60 26.28
N ALA A 632 8.89 -10.88 26.76
CA ALA A 632 7.78 -11.50 27.46
C ALA A 632 6.72 -10.47 27.81
N LEU A 633 5.48 -10.95 27.90
CA LEU A 633 4.34 -10.15 28.30
C LEU A 633 4.04 -10.67 29.72
N VAL A 634 4.10 -9.80 30.72
CA VAL A 634 3.86 -10.22 32.11
C VAL A 634 2.53 -9.71 32.63
N VAL A 635 1.69 -10.65 33.05
CA VAL A 635 0.38 -10.32 33.57
C VAL A 635 0.39 -10.43 35.09
N GLN A 636 0.20 -9.29 35.77
CA GLN A 636 0.19 -9.22 37.23
C GLN A 636 -1.20 -8.90 37.76
#